data_8UMC
#
_entry.id   8UMC
#
_cell.length_a   1.00
_cell.length_b   1.00
_cell.length_c   1.00
_cell.angle_alpha   90.00
_cell.angle_beta   90.00
_cell.angle_gamma   90.00
#
_symmetry.space_group_name_H-M   'P 1'
#
loop_
_entity.id
_entity.type
_entity.pdbx_description
1 polymer 'Xylose isomerase-like TIM barrel domain-containing protein'
2 polymer 'DUF6379 domain-containing protein'
3 non-polymer 'MANGANESE (II) ION'
#
loop_
_entity_poly.entity_id
_entity_poly.type
_entity_poly.pdbx_seq_one_letter_code
_entity_poly.pdbx_strand_id
1 'polypeptide(L)'
;MTQPQIKRGVSLYSFQEEFFLRKMTLEDCVAACASMGAYGIESLAEQMMPGFPNLDDAFYDGWHAMMAKYGTVSVCHDMF
LDTKKFRGRLMTLDEQVESFVRDIRHASRLGCTVIRVLNFVSPELMEKVLPHAEQSNMRLGLEIHAPMHFEHPWVLRHIE
FMDRLGSPLLGFIPDMGIFTKHFPPVMAERLIRQGATPHIIEYIREQYDRRVLAEYVVGDVRNMGGNPVDIRAAEMLRHN
NWSNPRRLLEHMDRIFHVHAKFYEMDEQDRETSLGYEEVIPVLKEGGYSGYLASEYEGNRHIQDAFEVDSVEQVRRHQRM
LARLIGEREVAHVAENLYFQSHHHHHH
;
A,C
2 'polypeptide(L)'
;MFDKYIVVEDSLKRVPGGVQFGVRLPYYRGLGLSMVETMDVTVDGERVPEENLTVTLGDRTVPFARRDDETDTIWNFGEI
ATVTARLPHELGPGEHQVGVNFGLRISYFPVPMVGQDAKTLKL
;
B,D
#
loop_
_chem_comp.id
_chem_comp.type
_chem_comp.name
_chem_comp.formula
MN non-polymer 'MANGANESE (II) ION' 'Mn 2'
#
# COMPACT_ATOMS: atom_id res chain seq x y z
N PRO A 4 12.42 -16.29 -30.99
CA PRO A 4 11.73 -16.60 -29.74
C PRO A 4 10.22 -16.76 -29.94
N GLN A 5 9.63 -17.75 -29.28
CA GLN A 5 8.21 -18.03 -29.38
C GLN A 5 7.60 -18.11 -27.99
N ILE A 6 6.42 -17.53 -27.84
CA ILE A 6 5.69 -17.59 -26.58
C ILE A 6 4.76 -18.79 -26.66
N LYS A 7 4.99 -19.77 -25.80
CA LYS A 7 4.25 -21.02 -25.85
C LYS A 7 2.98 -20.89 -25.04
N ARG A 8 1.88 -21.41 -25.58
CA ARG A 8 0.63 -21.41 -24.85
C ARG A 8 0.59 -22.58 -23.88
N GLY A 9 0.45 -22.26 -22.60
CA GLY A 9 0.34 -23.27 -21.57
C GLY A 9 -0.89 -23.00 -20.72
N VAL A 10 -1.23 -23.99 -19.89
CA VAL A 10 -2.34 -23.88 -18.98
C VAL A 10 -1.89 -24.34 -17.61
N SER A 11 -2.23 -23.57 -16.59
CA SER A 11 -2.08 -24.03 -15.21
C SER A 11 -3.31 -24.83 -14.85
N LEU A 12 -3.11 -26.07 -14.40
CA LEU A 12 -4.25 -26.88 -14.01
C LEU A 12 -5.04 -26.22 -12.91
N TYR A 13 -4.43 -25.28 -12.19
CA TYR A 13 -5.16 -24.35 -11.34
C TYR A 13 -6.41 -23.81 -12.03
N SER A 14 -6.33 -23.58 -13.34
CA SER A 14 -7.47 -23.03 -14.07
C SER A 14 -8.70 -23.93 -13.94
N PHE A 15 -8.50 -25.24 -13.89
CA PHE A 15 -9.59 -26.20 -13.80
C PHE A 15 -9.88 -26.61 -12.35
N GLN A 16 -9.33 -25.89 -11.39
CA GLN A 16 -9.51 -26.28 -10.00
C GLN A 16 -10.97 -26.49 -9.63
N GLU A 17 -11.88 -25.72 -10.24
CA GLU A 17 -13.29 -25.91 -9.95
C GLU A 17 -13.75 -27.31 -10.33
N GLU A 18 -13.53 -27.69 -11.59
CA GLU A 18 -14.02 -28.98 -12.06
C GLU A 18 -13.33 -30.12 -11.33
N PHE A 19 -12.03 -29.99 -11.06
CA PHE A 19 -11.33 -30.99 -10.26
C PHE A 19 -11.90 -31.07 -8.84
N PHE A 20 -12.29 -29.92 -8.28
CA PHE A 20 -12.78 -29.90 -6.91
C PHE A 20 -14.05 -30.73 -6.76
N LEU A 21 -14.97 -30.61 -7.71
CA LEU A 21 -16.23 -31.33 -7.68
C LEU A 21 -16.15 -32.71 -8.31
N ARG A 22 -14.94 -33.19 -8.60
CA ARG A 22 -14.73 -34.51 -9.18
C ARG A 22 -15.45 -34.65 -10.51
N LYS A 23 -15.38 -33.60 -11.33
CA LYS A 23 -15.94 -33.63 -12.67
C LYS A 23 -14.89 -33.91 -13.74
N MET A 24 -13.63 -33.53 -13.50
CA MET A 24 -12.56 -33.88 -14.42
C MET A 24 -11.33 -34.24 -13.61
N THR A 25 -10.70 -35.36 -13.97
CA THR A 25 -9.52 -35.86 -13.29
C THR A 25 -8.27 -35.16 -13.82
N LEU A 26 -7.12 -35.55 -13.27
CA LEU A 26 -5.86 -35.02 -13.78
C LEU A 26 -5.66 -35.41 -15.24
N GLU A 27 -5.93 -36.67 -15.58
CA GLU A 27 -5.90 -37.09 -16.97
C GLU A 27 -6.85 -36.25 -17.80
N ASP A 28 -8.07 -36.00 -17.28
CA ASP A 28 -9.02 -35.17 -18.00
C ASP A 28 -8.51 -33.76 -18.16
N CYS A 29 -7.89 -33.21 -17.12
CA CYS A 29 -7.36 -31.85 -17.23
C CYS A 29 -6.28 -31.76 -18.28
N VAL A 30 -5.33 -32.68 -18.29
CA VAL A 30 -4.28 -32.69 -19.30
C VAL A 30 -4.84 -32.94 -20.71
N ALA A 31 -5.84 -33.81 -20.86
CA ALA A 31 -6.50 -33.98 -22.14
C ALA A 31 -7.20 -32.72 -22.62
N ALA A 32 -7.88 -32.01 -21.72
CA ALA A 32 -8.52 -30.75 -22.08
C ALA A 32 -7.47 -29.72 -22.51
N CYS A 33 -6.34 -29.67 -21.81
CA CYS A 33 -5.26 -28.79 -22.23
C CYS A 33 -4.76 -29.17 -23.62
N ALA A 34 -4.59 -30.47 -23.88
CA ALA A 34 -4.12 -30.91 -25.19
C ALA A 34 -5.13 -30.59 -26.28
N SER A 35 -6.41 -30.56 -25.94
CA SER A 35 -7.44 -30.24 -26.94
C SER A 35 -7.25 -28.83 -27.48
N MET A 36 -6.90 -27.88 -26.62
CA MET A 36 -6.75 -26.49 -27.01
C MET A 36 -5.38 -26.19 -27.59
N GLY A 37 -4.52 -27.19 -27.74
CA GLY A 37 -3.18 -26.93 -28.21
C GLY A 37 -2.26 -26.34 -27.18
N ALA A 38 -2.69 -26.29 -25.92
CA ALA A 38 -1.89 -25.71 -24.84
C ALA A 38 -1.20 -26.84 -24.11
N TYR A 39 -0.11 -27.32 -24.72
CA TYR A 39 0.56 -28.51 -24.23
C TYR A 39 1.38 -28.24 -22.97
N GLY A 40 1.79 -27.00 -22.76
CA GLY A 40 2.45 -26.65 -21.52
C GLY A 40 1.54 -26.86 -20.33
N ILE A 41 2.00 -27.61 -19.34
CA ILE A 41 1.19 -27.96 -18.18
C ILE A 41 1.93 -27.49 -16.93
N GLU A 42 1.27 -26.65 -16.14
CA GLU A 42 1.77 -26.20 -14.86
C GLU A 42 0.89 -26.78 -13.78
N SER A 43 1.51 -27.42 -12.79
CA SER A 43 0.80 -28.23 -11.82
C SER A 43 1.09 -27.75 -10.40
N LEU A 44 0.05 -27.73 -9.58
CA LEU A 44 0.17 -27.56 -8.13
C LEU A 44 0.12 -28.96 -7.54
N ALA A 45 1.28 -29.50 -7.18
CA ALA A 45 1.33 -30.85 -6.64
C ALA A 45 0.45 -30.99 -5.42
N GLU A 46 0.37 -29.94 -4.59
CA GLU A 46 -0.48 -29.95 -3.41
C GLU A 46 -1.96 -29.82 -3.76
N GLN A 47 -2.30 -29.58 -5.02
CA GLN A 47 -3.68 -29.39 -5.46
C GLN A 47 -4.29 -30.66 -6.06
N MET A 48 -3.58 -31.30 -6.99
CA MET A 48 -4.14 -32.39 -7.76
C MET A 48 -3.35 -33.69 -7.67
N MET A 49 -2.36 -33.78 -6.78
CA MET A 49 -1.55 -34.99 -6.63
C MET A 49 -1.53 -35.37 -5.15
N PRO A 50 -2.60 -35.98 -4.65
CA PRO A 50 -2.59 -36.44 -3.25
C PRO A 50 -1.52 -37.50 -3.03
N GLY A 51 -0.94 -37.48 -1.83
CA GLY A 51 0.20 -38.31 -1.50
C GLY A 51 1.53 -37.58 -1.62
N PHE A 52 1.55 -36.45 -2.30
CA PHE A 52 2.76 -35.62 -2.31
C PHE A 52 3.12 -35.22 -0.89
N PRO A 53 4.41 -35.24 -0.52
CA PRO A 53 5.60 -35.54 -1.31
C PRO A 53 5.94 -37.02 -1.30
N ASN A 54 5.15 -37.84 -0.61
CA ASN A 54 5.40 -39.28 -0.52
C ASN A 54 4.71 -40.05 -1.65
N LEU A 55 4.97 -39.63 -2.88
CA LEU A 55 4.39 -40.28 -4.03
C LEU A 55 5.19 -41.52 -4.41
N ASP A 56 4.53 -42.44 -5.10
CA ASP A 56 5.17 -43.66 -5.55
C ASP A 56 5.82 -43.46 -6.92
N ASP A 57 6.88 -44.22 -7.17
CA ASP A 57 7.50 -44.19 -8.48
C ASP A 57 6.50 -44.52 -9.58
N ALA A 58 5.53 -45.38 -9.27
CA ALA A 58 4.47 -45.68 -10.23
C ALA A 58 3.69 -44.43 -10.59
N PHE A 59 3.49 -43.52 -9.64
CA PHE A 59 2.81 -42.27 -9.95
C PHE A 59 3.58 -41.48 -11.01
N TYR A 60 4.90 -41.38 -10.84
CA TYR A 60 5.68 -40.60 -11.79
C TYR A 60 5.74 -41.28 -13.15
N ASP A 61 5.81 -42.61 -13.16
CA ASP A 61 5.74 -43.34 -14.43
C ASP A 61 4.40 -43.07 -15.12
N GLY A 62 3.31 -43.07 -14.36
CA GLY A 62 2.02 -42.75 -14.93
C GLY A 62 1.92 -41.31 -15.41
N TRP A 63 2.58 -40.38 -14.71
CA TRP A 63 2.61 -39.00 -15.16
C TRP A 63 3.30 -38.89 -16.51
N HIS A 64 4.45 -39.53 -16.65
CA HIS A 64 5.15 -39.52 -17.92
C HIS A 64 4.35 -40.23 -19.01
N ALA A 65 3.64 -41.30 -18.68
CA ALA A 65 2.76 -41.96 -19.64
C ALA A 65 1.62 -41.04 -20.09
N MET A 66 1.01 -40.33 -19.14
CA MET A 66 0.02 -39.31 -19.47
C MET A 66 0.59 -38.31 -20.47
N MET A 67 1.74 -37.76 -20.14
CA MET A 67 2.32 -36.72 -20.98
C MET A 67 2.64 -37.22 -22.37
N ALA A 68 3.18 -38.45 -22.47
CA ALA A 68 3.42 -39.03 -23.78
C ALA A 68 2.12 -39.26 -24.54
N LYS A 69 1.07 -39.69 -23.84
CA LYS A 69 -0.22 -39.94 -24.50
C LYS A 69 -0.80 -38.66 -25.08
N TYR A 70 -0.73 -37.56 -24.34
CA TYR A 70 -1.35 -36.32 -24.76
C TYR A 70 -0.36 -35.31 -25.34
N GLY A 71 0.89 -35.70 -25.57
CA GLY A 71 1.86 -34.79 -26.15
C GLY A 71 2.12 -33.57 -25.31
N THR A 72 1.81 -33.62 -24.02
CA THR A 72 1.99 -32.47 -23.14
C THR A 72 3.38 -32.47 -22.52
N VAL A 73 3.78 -31.31 -22.03
CA VAL A 73 5.07 -31.10 -21.40
C VAL A 73 4.84 -30.44 -20.05
N SER A 74 5.34 -31.04 -18.99
CA SER A 74 5.26 -30.45 -17.65
C SER A 74 6.30 -29.35 -17.54
N VAL A 75 5.85 -28.12 -17.34
CA VAL A 75 6.70 -26.93 -17.41
C VAL A 75 7.06 -26.43 -16.01
N CYS A 76 6.06 -26.03 -15.23
CA CYS A 76 6.29 -25.38 -13.95
C CYS A 76 5.56 -26.13 -12.86
N HIS A 77 6.23 -26.24 -11.71
CA HIS A 77 5.66 -26.83 -10.51
C HIS A 77 5.47 -25.72 -9.48
N ASP A 78 4.25 -25.58 -8.98
CA ASP A 78 3.94 -24.53 -8.01
C ASP A 78 4.25 -25.04 -6.62
N MET A 79 5.34 -24.57 -6.04
CA MET A 79 5.71 -24.91 -4.68
C MET A 79 5.01 -23.98 -3.70
N PHE A 80 4.57 -24.55 -2.58
CA PHE A 80 3.96 -23.78 -1.51
C PHE A 80 4.76 -24.03 -0.23
N LEU A 81 5.32 -22.96 0.31
CA LEU A 81 6.14 -23.03 1.52
C LEU A 81 5.29 -22.64 2.71
N ASP A 82 5.06 -23.58 3.62
CA ASP A 82 4.19 -23.38 4.76
C ASP A 82 5.05 -23.01 5.97
N THR A 83 5.64 -21.82 5.92
CA THR A 83 6.48 -21.35 7.01
C THR A 83 5.71 -21.29 8.31
N LYS A 84 4.38 -21.17 8.26
CA LYS A 84 3.55 -21.18 9.45
C LYS A 84 3.01 -22.56 9.75
N LYS A 85 3.79 -23.61 9.43
CA LYS A 85 3.38 -24.98 9.70
C LYS A 85 3.04 -25.18 11.17
N PHE A 86 3.92 -24.73 12.06
CA PHE A 86 3.79 -24.96 13.49
C PHE A 86 3.25 -23.70 14.15
N ARG A 87 2.14 -23.85 14.87
CA ARG A 87 1.55 -22.73 15.56
C ARG A 87 2.53 -22.14 16.55
N GLY A 88 2.55 -20.80 16.64
CA GLY A 88 3.35 -20.10 17.60
C GLY A 88 4.78 -19.85 17.21
N ARG A 89 5.19 -20.25 16.01
CA ARG A 89 6.56 -20.00 15.56
C ARG A 89 6.59 -20.11 14.04
N LEU A 90 7.69 -19.63 13.46
CA LEU A 90 7.98 -19.79 12.05
C LEU A 90 8.97 -20.93 11.87
N MET A 91 8.86 -21.61 10.74
CA MET A 91 9.83 -22.64 10.41
C MET A 91 11.23 -22.05 10.47
N THR A 92 12.13 -22.75 11.15
CA THR A 92 13.53 -22.36 11.06
C THR A 92 13.97 -22.44 9.61
N LEU A 93 14.88 -21.55 9.24
CA LEU A 93 15.38 -21.57 7.87
C LEU A 93 15.88 -22.95 7.49
N ASP A 94 16.45 -23.67 8.47
CA ASP A 94 16.88 -25.05 8.25
C ASP A 94 15.72 -25.98 7.92
N GLU A 95 14.57 -25.82 8.60
CA GLU A 95 13.37 -26.57 8.23
C GLU A 95 12.85 -26.16 6.86
N GLN A 96 12.92 -24.88 6.53
CA GLN A 96 12.51 -24.42 5.22
C GLN A 96 13.38 -24.99 4.13
N VAL A 97 14.65 -25.28 4.40
CA VAL A 97 15.50 -25.88 3.37
C VAL A 97 14.96 -27.24 2.97
N GLU A 98 14.65 -28.09 3.95
CA GLU A 98 14.18 -29.47 3.65
C GLU A 98 12.79 -29.42 3.01
N SER A 99 11.92 -28.53 3.48
CA SER A 99 10.57 -28.37 2.88
C SER A 99 10.72 -28.00 1.40
N PHE A 100 11.66 -27.10 1.09
CA PHE A 100 11.91 -26.69 -0.32
C PHE A 100 12.50 -27.86 -1.09
N VAL A 101 13.41 -28.61 -0.44
CA VAL A 101 14.09 -29.76 -1.12
C VAL A 101 13.00 -30.73 -1.61
N ARG A 102 11.93 -30.90 -0.83
CA ARG A 102 10.80 -31.76 -1.25
C ARG A 102 10.33 -31.35 -2.64
N ASP A 103 10.06 -30.06 -2.84
CA ASP A 103 9.53 -29.56 -4.15
C ASP A 103 10.63 -29.65 -5.20
N ILE A 104 11.88 -29.37 -4.81
CA ILE A 104 13.03 -29.51 -5.76
C ILE A 104 13.03 -30.95 -6.31
N ARG A 105 12.96 -31.95 -5.43
CA ARG A 105 12.99 -33.34 -5.89
C ARG A 105 11.71 -33.72 -6.62
N HIS A 106 10.55 -33.30 -6.10
CA HIS A 106 9.29 -33.61 -6.77
C HIS A 106 9.29 -33.06 -8.19
N ALA A 107 9.68 -31.81 -8.35
CA ALA A 107 9.70 -31.20 -9.68
C ALA A 107 10.69 -31.89 -10.59
N SER A 108 11.85 -32.28 -10.06
CA SER A 108 12.82 -32.96 -10.90
C SER A 108 12.27 -34.30 -11.40
N ARG A 109 11.60 -35.05 -10.54
CA ARG A 109 11.03 -36.32 -10.97
C ARG A 109 9.91 -36.12 -11.99
N LEU A 110 9.05 -35.13 -11.77
CA LEU A 110 7.96 -34.87 -12.71
C LEU A 110 8.46 -34.45 -14.08
N GLY A 111 9.69 -33.95 -14.18
CA GLY A 111 10.18 -33.38 -15.41
C GLY A 111 9.98 -31.90 -15.53
N CYS A 112 9.65 -31.21 -14.44
CA CYS A 112 9.39 -29.78 -14.48
C CYS A 112 10.70 -29.00 -14.53
N THR A 113 10.68 -27.90 -15.28
CA THR A 113 11.85 -27.06 -15.46
C THR A 113 11.92 -25.87 -14.52
N VAL A 114 10.78 -25.39 -14.04
CA VAL A 114 10.71 -24.22 -13.18
C VAL A 114 9.89 -24.57 -11.95
N ILE A 115 10.19 -23.90 -10.84
CA ILE A 115 9.41 -24.02 -9.61
C ILE A 115 8.90 -22.64 -9.26
N ARG A 116 7.59 -22.51 -9.13
CA ARG A 116 6.96 -21.24 -8.82
C ARG A 116 7.07 -20.99 -7.32
N VAL A 117 8.11 -20.27 -6.92
CA VAL A 117 8.28 -19.91 -5.52
C VAL A 117 7.38 -18.73 -5.20
N LEU A 118 6.76 -18.75 -4.03
CA LEU A 118 5.87 -17.69 -3.63
C LEU A 118 6.66 -16.41 -3.38
N ASN A 119 5.95 -15.28 -3.48
CA ASN A 119 6.60 -13.98 -3.39
C ASN A 119 7.11 -13.67 -1.99
N PHE A 120 6.66 -14.41 -0.97
CA PHE A 120 7.00 -14.10 0.41
C PHE A 120 8.26 -14.80 0.90
N VAL A 121 8.83 -15.72 0.13
CA VAL A 121 10.03 -16.41 0.57
C VAL A 121 11.17 -15.43 0.68
N SER A 122 11.90 -15.48 1.79
CA SER A 122 12.99 -14.54 2.00
C SER A 122 14.13 -14.85 1.02
N PRO A 123 14.89 -13.84 0.61
CA PRO A 123 16.06 -14.11 -0.24
C PRO A 123 17.09 -15.00 0.43
N GLU A 124 17.15 -15.03 1.76
CA GLU A 124 18.06 -15.93 2.44
C GLU A 124 17.72 -17.39 2.16
N LEU A 125 16.42 -17.72 2.21
CA LEU A 125 16.02 -19.08 1.90
C LEU A 125 16.36 -19.46 0.47
N MET A 126 16.11 -18.56 -0.48
CA MET A 126 16.49 -18.81 -1.86
C MET A 126 18.00 -18.91 -2.03
N GLU A 127 18.77 -18.30 -1.14
CA GLU A 127 20.23 -18.42 -1.17
C GLU A 127 20.68 -19.77 -0.64
N LYS A 128 20.04 -20.28 0.41
CA LYS A 128 20.46 -21.55 0.99
C LYS A 128 20.05 -22.74 0.13
N VAL A 129 18.85 -22.71 -0.44
CA VAL A 129 18.40 -23.81 -1.29
C VAL A 129 19.02 -23.77 -2.66
N LEU A 130 19.79 -22.73 -2.98
CA LEU A 130 20.37 -22.63 -4.31
C LEU A 130 21.28 -23.80 -4.64
N PRO A 131 22.25 -24.19 -3.80
CA PRO A 131 23.06 -25.38 -4.14
C PRO A 131 22.24 -26.64 -4.35
N HIS A 132 21.20 -26.83 -3.53
CA HIS A 132 20.32 -27.98 -3.72
C HIS A 132 19.63 -27.91 -5.07
N ALA A 133 19.22 -26.72 -5.48
CA ALA A 133 18.62 -26.55 -6.80
C ALA A 133 19.61 -26.82 -7.91
N GLU A 134 20.88 -26.47 -7.74
CA GLU A 134 21.87 -26.78 -8.78
C GLU A 134 22.14 -28.27 -8.86
N GLN A 135 22.06 -28.99 -7.74
CA GLN A 135 22.17 -30.44 -7.80
C GLN A 135 21.18 -31.04 -8.80
N SER A 136 19.96 -30.51 -8.83
CA SER A 136 18.90 -31.03 -9.68
C SER A 136 18.64 -30.20 -10.92
N ASN A 137 19.39 -29.11 -11.12
CA ASN A 137 19.22 -28.24 -12.28
C ASN A 137 17.78 -27.73 -12.36
N MET A 138 17.32 -27.10 -11.29
CA MET A 138 15.96 -26.61 -11.18
C MET A 138 15.97 -25.09 -11.07
N ARG A 139 15.16 -24.44 -11.91
CA ARG A 139 15.03 -22.99 -11.85
C ARG A 139 14.04 -22.58 -10.78
N LEU A 140 14.44 -21.62 -9.97
CA LEU A 140 13.61 -21.09 -8.89
C LEU A 140 13.10 -19.72 -9.31
N GLY A 141 11.79 -19.63 -9.52
CA GLY A 141 11.18 -18.39 -9.97
C GLY A 141 10.27 -17.77 -8.92
N LEU A 142 10.69 -16.62 -8.38
CA LEU A 142 9.87 -15.90 -7.43
C LEU A 142 8.67 -15.30 -8.14
N GLU A 143 7.49 -15.49 -7.57
CA GLU A 143 6.26 -15.01 -8.17
C GLU A 143 6.12 -13.51 -7.88
N ILE A 144 6.05 -12.71 -8.93
CA ILE A 144 5.82 -11.28 -8.81
C ILE A 144 4.34 -11.05 -9.10
N HIS A 145 3.54 -11.05 -8.03
CA HIS A 145 2.08 -10.86 -8.17
C HIS A 145 1.68 -9.53 -7.51
N ALA A 146 0.53 -8.99 -7.91
CA ALA A 146 0.05 -7.70 -7.34
C ALA A 146 -0.37 -7.92 -5.89
N PRO A 147 0.23 -7.21 -4.91
CA PRO A 147 0.41 -5.77 -4.98
C PRO A 147 1.85 -5.33 -5.18
N MET A 148 2.66 -6.13 -5.90
CA MET A 148 4.09 -5.81 -6.07
C MET A 148 4.45 -5.70 -7.56
N HIS A 149 5.67 -5.27 -7.86
CA HIS A 149 6.11 -5.13 -9.28
C HIS A 149 7.63 -5.26 -9.32
N PHE A 150 8.23 -5.11 -10.50
CA PHE A 150 9.67 -5.24 -10.64
C PHE A 150 10.45 -4.11 -10.00
N GLU A 151 9.78 -3.12 -9.41
CA GLU A 151 10.45 -2.03 -8.72
C GLU A 151 10.06 -1.95 -7.25
N HIS A 152 9.37 -2.96 -6.73
CA HIS A 152 9.05 -3.00 -5.32
C HIS A 152 10.33 -3.23 -4.51
N PRO A 153 10.45 -2.63 -3.32
CA PRO A 153 11.68 -2.86 -2.53
C PRO A 153 11.94 -4.32 -2.20
N TRP A 154 10.90 -5.14 -1.99
CA TRP A 154 11.15 -6.55 -1.73
C TRP A 154 11.75 -7.23 -2.96
N VAL A 155 11.20 -6.92 -4.14
CA VAL A 155 11.79 -7.46 -5.36
C VAL A 155 13.18 -6.91 -5.57
N LEU A 156 13.42 -5.65 -5.18
CA LEU A 156 14.75 -5.09 -5.31
C LEU A 156 15.75 -5.81 -4.41
N ARG A 157 15.33 -6.17 -3.19
CA ARG A 157 16.23 -6.92 -2.32
C ARG A 157 16.46 -8.33 -2.84
N HIS A 158 15.44 -8.96 -3.42
CA HIS A 158 15.65 -10.24 -4.08
C HIS A 158 16.67 -10.10 -5.20
N ILE A 159 16.55 -9.04 -6.00
CA ILE A 159 17.48 -8.80 -7.09
C ILE A 159 18.89 -8.59 -6.56
N GLU A 160 19.04 -7.81 -5.50
CA GLU A 160 20.37 -7.56 -4.96
C GLU A 160 20.95 -8.81 -4.32
N PHE A 161 20.10 -9.68 -3.79
CA PHE A 161 20.58 -10.94 -3.23
C PHE A 161 21.00 -11.91 -4.32
N MET A 162 20.29 -11.93 -5.45
CA MET A 162 20.60 -12.84 -6.53
C MET A 162 21.50 -12.23 -7.59
N ASP A 163 21.95 -10.98 -7.42
CA ASP A 163 22.98 -10.42 -8.28
C ASP A 163 24.38 -10.77 -7.80
N ARG A 164 24.57 -10.88 -6.49
CA ARG A 164 25.84 -11.31 -5.93
C ARG A 164 25.97 -12.83 -5.84
N LEU A 165 24.88 -13.57 -6.07
CA LEU A 165 24.98 -15.01 -6.22
C LEU A 165 25.28 -15.42 -7.66
N GLY A 166 24.84 -14.63 -8.63
CA GLY A 166 25.20 -14.87 -10.01
C GLY A 166 24.81 -16.25 -10.51
N SER A 167 23.62 -16.72 -10.11
CA SER A 167 23.14 -18.03 -10.52
C SER A 167 21.97 -17.86 -11.48
N PRO A 168 22.00 -18.40 -12.69
CA PRO A 168 20.88 -18.27 -13.60
C PRO A 168 19.65 -19.12 -13.24
N LEU A 169 19.69 -19.85 -12.13
CA LEU A 169 18.54 -20.62 -11.67
C LEU A 169 17.58 -19.78 -10.83
N LEU A 170 17.96 -18.56 -10.49
CA LEU A 170 17.11 -17.66 -9.73
C LEU A 170 16.53 -16.61 -10.66
N GLY A 171 15.21 -16.49 -10.67
CA GLY A 171 14.56 -15.51 -11.52
C GLY A 171 13.13 -15.22 -11.13
N PHE A 172 12.29 -14.89 -12.09
CA PHE A 172 10.98 -14.33 -11.81
C PHE A 172 9.89 -15.02 -12.61
N ILE A 173 8.70 -15.03 -12.02
CA ILE A 173 7.47 -15.44 -12.68
C ILE A 173 6.47 -14.31 -12.48
N PRO A 174 6.35 -13.38 -13.42
CA PRO A 174 5.40 -12.27 -13.25
C PRO A 174 3.96 -12.73 -13.47
N ASP A 175 3.06 -12.20 -12.65
CA ASP A 175 1.63 -12.39 -12.85
C ASP A 175 1.06 -11.30 -13.74
N MET A 176 -0.11 -11.56 -14.30
CA MET A 176 -0.81 -10.55 -15.09
C MET A 176 -1.69 -9.67 -14.23
N GLY A 177 -1.86 -9.99 -12.95
CA GLY A 177 -2.57 -9.11 -12.05
C GLY A 177 -1.86 -7.80 -11.76
N ILE A 178 -0.59 -7.69 -12.15
CA ILE A 178 0.15 -6.44 -12.04
C ILE A 178 -0.08 -5.63 -13.31
N PHE A 179 -1.01 -6.08 -14.14
CA PHE A 179 -1.42 -5.36 -15.35
C PHE A 179 -2.93 -5.27 -15.43
N THR A 180 -3.57 -4.94 -14.31
CA THR A 180 -5.02 -4.79 -14.25
C THR A 180 -5.36 -3.34 -14.57
N LYS A 181 -5.75 -3.07 -15.82
CA LYS A 181 -6.01 -1.70 -16.22
C LYS A 181 -7.45 -1.27 -15.95
N HIS A 182 -8.31 -2.20 -15.58
CA HIS A 182 -9.66 -1.86 -15.14
C HIS A 182 -9.99 -2.70 -13.92
N PHE A 183 -10.84 -2.16 -13.07
CA PHE A 183 -11.39 -2.98 -12.00
C PHE A 183 -12.13 -4.15 -12.65
N PRO A 184 -11.74 -5.39 -12.40
CA PRO A 184 -12.33 -6.50 -13.16
C PRO A 184 -13.84 -6.53 -13.00
N PRO A 185 -14.59 -6.58 -14.11
CA PRO A 185 -16.05 -6.58 -14.00
C PRO A 185 -16.61 -7.72 -13.17
N VAL A 186 -16.02 -8.91 -13.23
CA VAL A 186 -16.53 -10.01 -12.41
C VAL A 186 -16.43 -9.66 -10.94
N MET A 187 -15.31 -9.04 -10.54
CA MET A 187 -15.18 -8.58 -9.17
C MET A 187 -16.22 -7.52 -8.84
N ALA A 188 -16.47 -6.61 -9.77
CA ALA A 188 -17.44 -5.55 -9.53
C ALA A 188 -18.83 -6.12 -9.30
N GLU A 189 -19.28 -7.03 -10.16
CA GLU A 189 -20.62 -7.60 -10.01
C GLU A 189 -20.70 -8.53 -8.82
N ARG A 190 -19.63 -9.26 -8.50
CA ARG A 190 -19.62 -10.02 -7.27
C ARG A 190 -19.85 -9.11 -6.09
N LEU A 191 -19.12 -8.00 -6.01
CA LEU A 191 -19.28 -7.07 -4.90
C LEU A 191 -20.69 -6.49 -4.88
N ILE A 192 -21.26 -6.21 -6.06
CA ILE A 192 -22.60 -5.65 -6.12
C ILE A 192 -23.61 -6.65 -5.57
N ARG A 193 -23.45 -7.93 -5.88
CA ARG A 193 -24.39 -8.94 -5.38
C ARG A 193 -24.03 -9.46 -3.99
N GLN A 194 -22.92 -9.00 -3.42
CA GLN A 194 -22.64 -9.22 -2.01
C GLN A 194 -23.24 -8.14 -1.11
N GLY A 195 -23.81 -7.09 -1.69
CA GLY A 195 -24.43 -6.04 -0.91
C GLY A 195 -23.77 -4.69 -1.08
N ALA A 196 -22.97 -4.53 -2.14
CA ALA A 196 -22.32 -3.27 -2.41
C ALA A 196 -23.27 -2.38 -3.21
N THR A 197 -23.30 -1.09 -2.86
CA THR A 197 -24.20 -0.16 -3.52
C THR A 197 -23.66 0.13 -4.92
N PRO A 198 -24.45 -0.11 -5.98
CA PRO A 198 -23.87 -0.06 -7.33
C PRO A 198 -23.19 1.26 -7.68
N HIS A 199 -23.77 2.39 -7.29
CA HIS A 199 -23.21 3.67 -7.70
C HIS A 199 -21.83 3.90 -7.08
N ILE A 200 -21.65 3.51 -5.82
CA ILE A 200 -20.33 3.62 -5.21
C ILE A 200 -19.35 2.69 -5.89
N ILE A 201 -19.83 1.53 -6.34
CA ILE A 201 -18.95 0.62 -7.07
C ILE A 201 -18.50 1.26 -8.39
N GLU A 202 -19.41 1.93 -9.10
CA GLU A 202 -19.00 2.64 -10.30
C GLU A 202 -17.99 3.72 -9.95
N TYR A 203 -18.19 4.41 -8.83
CA TYR A 203 -17.22 5.39 -8.37
C TYR A 203 -15.85 4.75 -8.19
N ILE A 204 -15.81 3.61 -7.50
CA ILE A 204 -14.53 2.95 -7.21
C ILE A 204 -13.87 2.52 -8.51
N ARG A 205 -14.65 1.99 -9.44
CA ARG A 205 -14.09 1.58 -10.72
C ARG A 205 -13.49 2.76 -11.47
N GLU A 206 -14.20 3.88 -11.49
CA GLU A 206 -13.68 5.08 -12.14
C GLU A 206 -12.42 5.58 -11.43
N GLN A 207 -12.39 5.50 -10.11
CA GLN A 207 -11.20 5.91 -9.36
C GLN A 207 -10.02 5.00 -9.69
N TYR A 208 -10.26 3.70 -9.81
CA TYR A 208 -9.20 2.79 -10.22
C TYR A 208 -8.72 3.12 -11.62
N ASP A 209 -9.64 3.47 -12.52
CA ASP A 209 -9.24 3.89 -13.85
C ASP A 209 -8.39 5.15 -13.81
N ARG A 210 -8.62 6.00 -12.81
CA ARG A 210 -7.86 7.27 -12.67
C ARG A 210 -6.60 7.04 -11.83
N ARG A 211 -6.39 5.82 -11.33
CA ARG A 211 -5.22 5.46 -10.56
C ARG A 211 -5.11 6.21 -9.24
N VAL A 212 -6.23 6.75 -8.75
CA VAL A 212 -6.20 7.39 -7.44
C VAL A 212 -5.73 6.38 -6.40
N LEU A 213 -4.97 6.86 -5.43
CA LEU A 213 -4.32 5.96 -4.48
C LEU A 213 -5.36 5.23 -3.65
N ALA A 214 -5.01 4.02 -3.24
CA ALA A 214 -5.95 3.21 -2.47
C ALA A 214 -6.36 3.93 -1.19
N GLU A 215 -5.48 4.74 -0.63
CA GLU A 215 -5.80 5.44 0.61
C GLU A 215 -6.88 6.49 0.37
N TYR A 216 -6.71 7.32 -0.65
CA TYR A 216 -7.72 8.32 -0.98
C TYR A 216 -9.04 7.65 -1.33
N VAL A 217 -9.00 6.58 -2.12
CA VAL A 217 -10.23 5.90 -2.52
C VAL A 217 -10.94 5.34 -1.29
N VAL A 218 -10.21 4.69 -0.39
CA VAL A 218 -10.84 4.13 0.80
C VAL A 218 -11.46 5.24 1.63
N GLY A 219 -10.72 6.32 1.84
CA GLY A 219 -11.26 7.42 2.63
C GLY A 219 -12.51 8.02 2.02
N ASP A 220 -12.49 8.26 0.72
CA ASP A 220 -13.64 8.93 0.11
C ASP A 220 -14.85 8.00 0.07
N VAL A 221 -14.64 6.73 -0.29
CA VAL A 221 -15.76 5.81 -0.30
C VAL A 221 -16.35 5.66 1.09
N ARG A 222 -15.50 5.74 2.13
CA ARG A 222 -16.03 5.77 3.48
C ARG A 222 -16.85 7.03 3.73
N ASN A 223 -16.40 8.19 3.26
CA ASN A 223 -17.14 9.42 3.49
C ASN A 223 -18.50 9.41 2.81
N MET A 224 -18.57 8.96 1.56
CA MET A 224 -19.85 8.93 0.85
C MET A 224 -20.81 7.92 1.46
N GLY A 225 -20.32 7.02 2.32
CA GLY A 225 -21.15 6.03 2.95
C GLY A 225 -20.98 4.69 2.28
N GLY A 226 -20.16 3.83 2.87
CA GLY A 226 -19.86 2.55 2.27
C GLY A 226 -19.96 1.42 3.27
N ASN A 227 -20.63 0.35 2.87
CA ASN A 227 -20.74 -0.81 3.72
C ASN A 227 -19.39 -1.52 3.82
N PRO A 228 -19.24 -2.41 4.80
CA PRO A 228 -17.96 -3.14 4.89
C PRO A 228 -17.56 -3.81 3.59
N VAL A 229 -18.54 -4.33 2.84
CA VAL A 229 -18.22 -4.88 1.52
C VAL A 229 -17.69 -3.79 0.61
N ASP A 230 -18.19 -2.56 0.76
CA ASP A 230 -17.73 -1.48 -0.11
C ASP A 230 -16.31 -1.05 0.24
N ILE A 231 -16.00 -0.98 1.53
CA ILE A 231 -14.61 -0.66 1.89
C ILE A 231 -13.70 -1.81 1.49
N ARG A 232 -14.21 -3.04 1.47
CA ARG A 232 -13.42 -4.14 0.93
C ARG A 232 -13.18 -3.95 -0.57
N ALA A 233 -14.19 -3.50 -1.31
CA ALA A 233 -14.02 -3.20 -2.72
C ALA A 233 -12.97 -2.11 -2.92
N ALA A 234 -12.96 -1.12 -2.04
CA ALA A 234 -11.95 -0.08 -2.12
C ALA A 234 -10.56 -0.61 -1.81
N GLU A 235 -10.46 -1.44 -0.76
CA GLU A 235 -9.18 -2.05 -0.40
C GLU A 235 -8.66 -2.95 -1.51
N MET A 236 -9.56 -3.47 -2.33
CA MET A 236 -9.13 -4.31 -3.45
C MET A 236 -8.11 -3.59 -4.32
N LEU A 237 -8.20 -2.26 -4.39
CA LEU A 237 -7.23 -1.49 -5.17
C LEU A 237 -5.82 -1.67 -4.65
N ARG A 238 -5.65 -1.94 -3.35
CA ARG A 238 -4.31 -2.24 -2.85
C ARG A 238 -3.74 -3.46 -3.54
N HIS A 239 -4.53 -4.52 -3.64
CA HIS A 239 -4.05 -5.78 -4.27
C HIS A 239 -3.82 -5.54 -5.76
N ASN A 240 -4.89 -5.32 -6.52
CA ASN A 240 -4.79 -5.13 -7.96
C ASN A 240 -4.15 -3.78 -8.27
N ASN A 241 -3.16 -3.79 -9.14
CA ASN A 241 -2.48 -2.58 -9.54
C ASN A 241 -2.12 -2.68 -11.00
N TRP A 242 -1.90 -1.52 -11.63
CA TRP A 242 -1.40 -1.44 -12.98
C TRP A 242 0.06 -1.02 -12.93
N SER A 243 0.97 -1.96 -13.16
CA SER A 243 2.38 -1.67 -13.22
C SER A 243 2.73 -1.20 -14.62
N ASN A 244 4.00 -0.88 -14.82
CA ASN A 244 4.48 -0.44 -16.13
C ASN A 244 4.81 -1.66 -16.98
N PRO A 245 4.11 -1.89 -18.08
CA PRO A 245 4.43 -3.06 -18.91
C PRO A 245 5.85 -3.08 -19.41
N ARG A 246 6.46 -1.90 -19.57
CA ARG A 246 7.84 -1.82 -20.15
C ARG A 246 8.89 -2.28 -19.14
N ARG A 247 8.56 -2.33 -17.85
CA ARG A 247 9.52 -2.76 -16.84
C ARG A 247 10.00 -4.17 -17.07
N LEU A 248 9.22 -5.00 -17.77
CA LEU A 248 9.67 -6.35 -18.07
C LEU A 248 10.93 -6.36 -18.92
N LEU A 249 11.08 -5.38 -19.83
CA LEU A 249 12.22 -5.40 -20.72
C LEU A 249 13.53 -5.40 -19.96
N GLU A 250 13.58 -4.75 -18.80
CA GLU A 250 14.78 -4.77 -17.99
C GLU A 250 15.12 -6.16 -17.50
N HIS A 251 14.10 -6.92 -17.09
CA HIS A 251 14.27 -8.21 -16.44
C HIS A 251 13.81 -9.36 -17.32
N MET A 252 14.03 -9.26 -18.63
CA MET A 252 13.54 -10.31 -19.54
C MET A 252 14.31 -11.62 -19.28
N ASP A 253 15.60 -11.52 -18.95
CA ASP A 253 16.45 -12.73 -18.75
C ASP A 253 15.98 -13.52 -17.52
N ARG A 254 15.50 -12.84 -16.47
CA ARG A 254 15.13 -13.54 -15.22
C ARG A 254 13.63 -13.89 -15.21
N ILE A 255 12.94 -13.82 -16.34
CA ILE A 255 11.54 -14.22 -16.39
C ILE A 255 11.46 -15.60 -17.02
N PHE A 256 11.22 -16.60 -16.18
CA PHE A 256 11.14 -18.00 -16.62
C PHE A 256 9.74 -18.43 -17.01
N HIS A 257 8.72 -17.82 -16.42
CA HIS A 257 7.35 -18.25 -16.61
C HIS A 257 6.45 -17.05 -16.42
N VAL A 258 5.36 -17.00 -17.17
CA VAL A 258 4.36 -15.96 -17.03
C VAL A 258 3.02 -16.62 -16.74
N HIS A 259 2.40 -16.19 -15.64
CA HIS A 259 1.05 -16.63 -15.26
C HIS A 259 0.06 -15.76 -16.02
N ALA A 260 -0.33 -16.21 -17.21
CA ALA A 260 -1.31 -15.47 -17.99
C ALA A 260 -2.65 -15.61 -17.30
N LYS A 261 -2.85 -14.79 -16.27
CA LYS A 261 -4.07 -14.88 -15.48
C LYS A 261 -5.19 -14.10 -16.16
N PHE A 262 -6.43 -14.54 -15.91
CA PHE A 262 -7.58 -13.83 -16.43
C PHE A 262 -8.79 -14.12 -15.56
N TYR A 263 -9.82 -13.28 -15.69
CA TYR A 263 -11.02 -13.41 -14.83
C TYR A 263 -12.24 -13.75 -15.68
N GLU A 264 -12.42 -13.04 -16.79
CA GLU A 264 -13.62 -13.25 -17.63
C GLU A 264 -13.28 -13.09 -19.12
N MET A 265 -13.68 -14.04 -19.95
CA MET A 265 -13.50 -13.91 -21.41
C MET A 265 -14.88 -13.78 -22.05
N ASP A 266 -15.24 -12.60 -22.55
CA ASP A 266 -16.57 -12.36 -23.17
C ASP A 266 -16.66 -13.13 -24.49
N GLU A 267 -17.80 -13.06 -25.18
CA GLU A 267 -17.98 -13.87 -26.38
C GLU A 267 -17.03 -13.48 -27.51
N GLN A 268 -16.36 -12.32 -27.44
CA GLN A 268 -15.48 -11.87 -28.51
C GLN A 268 -14.02 -12.21 -28.25
N ASP A 269 -13.75 -13.18 -27.38
CA ASP A 269 -12.38 -13.54 -27.00
C ASP A 269 -11.63 -12.33 -26.46
N ARG A 270 -12.30 -11.56 -25.61
CA ARG A 270 -11.76 -10.33 -25.06
C ARG A 270 -11.57 -10.50 -23.56
N GLU A 271 -10.38 -10.17 -23.08
CA GLU A 271 -10.14 -10.09 -21.64
C GLU A 271 -10.55 -8.70 -21.18
N THR A 272 -11.60 -8.63 -20.37
CA THR A 272 -12.21 -7.35 -20.01
C THR A 272 -11.20 -6.38 -19.43
N SER A 273 -10.60 -6.73 -18.29
CA SER A 273 -9.84 -5.75 -17.51
C SER A 273 -8.33 -5.88 -17.70
N LEU A 274 -7.77 -7.07 -17.47
CA LEU A 274 -6.32 -7.21 -17.45
C LEU A 274 -5.72 -6.78 -18.79
N GLY A 275 -4.59 -6.10 -18.71
CA GLY A 275 -3.94 -5.58 -19.89
C GLY A 275 -3.12 -6.62 -20.61
N TYR A 276 -3.66 -7.12 -21.73
CA TYR A 276 -2.97 -8.07 -22.59
C TYR A 276 -2.54 -7.46 -23.91
N GLU A 277 -3.34 -6.55 -24.46
CA GLU A 277 -2.96 -5.88 -25.69
C GLU A 277 -1.70 -5.06 -25.51
N GLU A 278 -1.38 -4.68 -24.28
CA GLU A 278 -0.19 -3.90 -23.98
C GLU A 278 0.99 -4.73 -23.50
N VAL A 279 0.75 -5.93 -22.99
CA VAL A 279 1.80 -6.74 -22.37
C VAL A 279 2.38 -7.76 -23.34
N ILE A 280 1.53 -8.47 -24.06
CA ILE A 280 2.03 -9.47 -25.01
C ILE A 280 2.98 -8.84 -26.01
N PRO A 281 2.71 -7.66 -26.59
CA PRO A 281 3.73 -7.02 -27.43
C PRO A 281 5.02 -6.74 -26.69
N VAL A 282 4.95 -6.38 -25.41
CA VAL A 282 6.16 -6.16 -24.63
C VAL A 282 6.97 -7.44 -24.52
N LEU A 283 6.30 -8.55 -24.20
CA LEU A 283 6.99 -9.83 -24.15
C LEU A 283 7.57 -10.20 -25.50
N LYS A 284 6.84 -9.92 -26.58
CA LYS A 284 7.31 -10.26 -27.90
C LYS A 284 8.58 -9.48 -28.26
N GLU A 285 8.61 -8.19 -27.94
CA GLU A 285 9.80 -7.40 -28.20
C GLU A 285 10.88 -7.61 -27.14
N GLY A 286 10.53 -8.25 -26.02
CA GLY A 286 11.51 -8.62 -25.04
C GLY A 286 12.25 -9.90 -25.35
N GLY A 287 11.90 -10.56 -26.45
CA GLY A 287 12.53 -11.83 -26.78
C GLY A 287 12.08 -12.96 -25.90
N TYR A 288 10.91 -12.85 -25.28
CA TYR A 288 10.46 -13.87 -24.36
C TYR A 288 10.29 -15.20 -25.08
N SER A 289 10.85 -16.27 -24.50
CA SER A 289 10.65 -17.63 -24.99
C SER A 289 10.35 -18.48 -23.77
N GLY A 290 9.08 -18.56 -23.42
CA GLY A 290 8.63 -19.31 -22.26
C GLY A 290 7.22 -19.75 -22.47
N TYR A 291 6.47 -19.85 -21.38
CA TYR A 291 5.09 -20.31 -21.43
C TYR A 291 4.17 -19.27 -20.79
N LEU A 292 3.06 -18.98 -21.46
CA LEU A 292 1.97 -18.20 -20.88
C LEU A 292 0.95 -19.19 -20.35
N ALA A 293 0.99 -19.45 -19.05
CA ALA A 293 0.13 -20.46 -18.43
C ALA A 293 -1.20 -19.83 -18.12
N SER A 294 -2.26 -20.30 -18.78
CA SER A 294 -3.60 -19.79 -18.51
C SER A 294 -3.97 -20.04 -17.06
N GLU A 295 -4.10 -18.96 -16.29
CA GLU A 295 -4.51 -19.02 -14.90
C GLU A 295 -5.91 -18.41 -14.84
N TYR A 296 -6.91 -19.26 -14.99
CA TYR A 296 -8.29 -18.82 -14.89
C TYR A 296 -8.58 -18.45 -13.44
N GLU A 297 -8.84 -17.17 -13.19
CA GLU A 297 -9.05 -16.66 -11.85
C GLU A 297 -10.48 -16.26 -11.55
N GLY A 298 -11.34 -16.17 -12.56
CA GLY A 298 -12.68 -15.67 -12.33
C GLY A 298 -13.61 -16.65 -11.67
N ASN A 299 -13.17 -17.89 -11.48
CA ASN A 299 -14.06 -18.88 -10.87
C ASN A 299 -14.38 -18.56 -9.42
N ARG A 300 -13.48 -17.87 -8.71
CA ARG A 300 -13.81 -17.45 -7.36
C ARG A 300 -14.94 -16.44 -7.35
N HIS A 301 -14.97 -15.55 -8.34
CA HIS A 301 -15.93 -14.45 -8.38
C HIS A 301 -17.27 -14.83 -9.01
N ILE A 302 -17.24 -15.55 -10.12
CA ILE A 302 -18.52 -16.08 -10.70
C ILE A 302 -18.68 -17.48 -10.11
N GLN A 303 -19.09 -17.57 -8.83
CA GLN A 303 -19.18 -18.83 -8.12
C GLN A 303 -20.53 -19.06 -7.49
N ASP A 304 -21.14 -18.03 -6.92
CA ASP A 304 -22.34 -18.18 -6.11
C ASP A 304 -23.62 -18.02 -6.92
N ALA A 305 -23.54 -17.47 -8.13
CA ALA A 305 -24.72 -17.27 -8.95
C ALA A 305 -24.49 -17.62 -10.41
N PHE A 306 -23.36 -18.23 -10.76
CA PHE A 306 -23.07 -18.57 -12.14
C PHE A 306 -22.40 -19.93 -12.20
N GLU A 307 -22.70 -20.67 -13.26
CA GLU A 307 -22.08 -21.97 -13.49
C GLU A 307 -20.69 -21.75 -14.05
N VAL A 308 -19.69 -22.26 -13.35
CA VAL A 308 -18.31 -22.12 -13.78
C VAL A 308 -18.05 -23.13 -14.89
N ASP A 309 -17.77 -22.63 -16.09
CA ASP A 309 -17.35 -23.46 -17.21
C ASP A 309 -15.88 -23.14 -17.44
N SER A 310 -15.02 -23.80 -16.67
CA SER A 310 -13.60 -23.50 -16.73
C SER A 310 -13.05 -23.81 -18.12
N VAL A 311 -13.52 -24.90 -18.72
CA VAL A 311 -12.96 -25.31 -20.01
C VAL A 311 -13.28 -24.28 -21.08
N GLU A 312 -14.51 -23.77 -21.11
CA GLU A 312 -14.87 -22.78 -22.12
C GLU A 312 -14.11 -21.47 -21.90
N GLN A 313 -14.00 -21.01 -20.65
CA GLN A 313 -13.27 -19.78 -20.37
C GLN A 313 -11.80 -19.92 -20.76
N VAL A 314 -11.19 -21.05 -20.39
CA VAL A 314 -9.80 -21.27 -20.75
C VAL A 314 -9.65 -21.41 -22.26
N ARG A 315 -10.65 -21.96 -22.93
CA ARG A 315 -10.58 -22.09 -24.38
C ARG A 315 -10.62 -20.72 -25.05
N ARG A 316 -11.52 -19.85 -24.60
CA ARG A 316 -11.57 -18.50 -25.13
C ARG A 316 -10.27 -17.75 -24.83
N HIS A 317 -9.73 -17.93 -23.61
CA HIS A 317 -8.47 -17.29 -23.26
C HIS A 317 -7.35 -17.79 -24.17
N GLN A 318 -7.33 -19.09 -24.45
CA GLN A 318 -6.33 -19.64 -25.35
C GLN A 318 -6.47 -19.06 -26.74
N ARG A 319 -7.70 -18.88 -27.22
CA ARG A 319 -7.90 -18.23 -28.51
C ARG A 319 -7.40 -16.79 -28.49
N MET A 320 -7.71 -16.06 -27.42
CA MET A 320 -7.22 -14.66 -27.30
C MET A 320 -5.69 -14.69 -27.39
N LEU A 321 -5.05 -15.52 -26.56
CA LEU A 321 -3.59 -15.59 -26.58
C LEU A 321 -3.08 -15.93 -27.97
N ALA A 322 -3.73 -16.88 -28.64
CA ALA A 322 -3.29 -17.26 -29.98
C ALA A 322 -3.39 -16.09 -30.95
N ARG A 323 -4.42 -15.25 -30.79
CA ARG A 323 -4.57 -14.08 -31.64
C ARG A 323 -3.56 -12.99 -31.29
N LEU A 324 -3.35 -12.73 -29.99
CA LEU A 324 -2.38 -11.73 -29.57
C LEU A 324 -0.95 -12.20 -29.78
N ILE A 325 -0.73 -13.49 -29.97
CA ILE A 325 0.57 -14.01 -30.36
C ILE A 325 0.55 -14.24 -31.86
N MET B 1 -13.71 -18.57 -1.85
CA MET B 1 -13.02 -19.52 -2.77
C MET B 1 -14.01 -20.57 -3.26
N PHE B 2 -14.26 -21.60 -2.44
CA PHE B 2 -15.28 -22.60 -2.70
C PHE B 2 -16.34 -22.59 -1.62
N ASP B 3 -16.71 -21.38 -1.20
CA ASP B 3 -17.49 -21.20 0.00
C ASP B 3 -18.90 -21.79 -0.12
N LYS B 4 -19.34 -22.09 -1.33
CA LYS B 4 -20.64 -22.72 -1.53
C LYS B 4 -20.59 -24.23 -1.48
N TYR B 5 -19.39 -24.81 -1.34
CA TYR B 5 -19.20 -26.25 -1.42
C TYR B 5 -18.68 -26.86 -0.12
N ILE B 6 -18.50 -26.07 0.93
CA ILE B 6 -17.83 -26.59 2.13
C ILE B 6 -18.66 -27.68 2.76
N VAL B 7 -19.94 -27.42 2.99
CA VAL B 7 -20.84 -28.41 3.58
C VAL B 7 -21.39 -29.25 2.43
N VAL B 8 -20.92 -30.50 2.33
CA VAL B 8 -21.34 -31.36 1.25
C VAL B 8 -22.81 -31.72 1.41
N GLU B 9 -23.49 -31.90 0.29
CA GLU B 9 -24.90 -32.23 0.32
C GLU B 9 -25.10 -33.73 0.49
N ASP B 10 -26.16 -34.09 1.22
CA ASP B 10 -26.51 -35.49 1.46
C ASP B 10 -25.38 -36.23 2.15
N SER B 11 -24.84 -35.60 3.20
CA SER B 11 -23.73 -36.18 3.96
C SER B 11 -23.98 -36.24 5.46
N LEU B 12 -25.13 -35.79 5.94
CA LEU B 12 -25.42 -35.76 7.37
C LEU B 12 -25.79 -37.16 7.83
N LYS B 13 -24.87 -37.82 8.53
CA LYS B 13 -25.09 -39.16 9.07
C LYS B 13 -25.03 -39.12 10.58
N ARG B 14 -25.66 -40.12 11.21
CA ARG B 14 -25.80 -40.18 12.65
C ARG B 14 -24.84 -41.23 13.20
N VAL B 15 -23.77 -40.77 13.84
CA VAL B 15 -22.78 -41.63 14.48
C VAL B 15 -23.29 -41.85 15.91
N PRO B 16 -23.09 -43.02 16.53
CA PRO B 16 -23.57 -43.16 17.90
C PRO B 16 -22.93 -42.15 18.83
N GLY B 17 -23.74 -41.22 19.34
CA GLY B 17 -23.26 -40.15 20.20
C GLY B 17 -22.98 -38.84 19.50
N GLY B 18 -23.25 -38.73 18.21
CA GLY B 18 -22.98 -37.50 17.51
C GLY B 18 -23.43 -37.56 16.08
N VAL B 19 -23.04 -36.55 15.31
CA VAL B 19 -23.41 -36.43 13.91
C VAL B 19 -22.16 -36.14 13.10
N GLN B 20 -22.01 -36.83 11.97
CA GLN B 20 -20.88 -36.64 11.09
C GLN B 20 -21.35 -36.13 9.74
N PHE B 21 -20.49 -35.38 9.07
CA PHE B 21 -20.83 -34.83 7.77
C PHE B 21 -19.54 -34.51 7.03
N GLY B 22 -19.68 -34.32 5.72
CA GLY B 22 -18.54 -34.09 4.86
C GLY B 22 -18.24 -32.61 4.72
N VAL B 23 -16.97 -32.27 4.85
CA VAL B 23 -16.51 -30.88 4.76
C VAL B 23 -15.35 -30.83 3.80
N ARG B 24 -15.34 -29.80 2.96
CA ARG B 24 -14.26 -29.53 2.04
C ARG B 24 -13.74 -28.12 2.29
N LEU B 25 -12.46 -28.01 2.58
CA LEU B 25 -11.92 -26.73 3.02
C LEU B 25 -12.01 -25.70 1.89
N PRO B 26 -12.36 -24.45 2.20
CA PRO B 26 -12.49 -23.41 1.17
C PRO B 26 -11.15 -22.87 0.71
N TYR B 27 -10.31 -23.76 0.20
CA TYR B 27 -8.97 -23.43 -0.24
C TYR B 27 -8.69 -24.16 -1.55
N TYR B 28 -7.77 -23.61 -2.32
CA TYR B 28 -7.50 -24.11 -3.66
C TYR B 28 -6.39 -25.14 -3.71
N ARG B 29 -5.92 -25.63 -2.57
CA ARG B 29 -4.84 -26.61 -2.57
C ARG B 29 -4.92 -27.44 -1.30
N GLY B 30 -4.08 -28.48 -1.25
CA GLY B 30 -4.00 -29.30 -0.06
C GLY B 30 -3.29 -28.56 1.05
N LEU B 31 -3.90 -28.56 2.23
CA LEU B 31 -3.40 -27.82 3.37
C LEU B 31 -3.31 -28.75 4.57
N GLY B 32 -2.23 -28.64 5.32
CA GLY B 32 -2.07 -29.46 6.51
C GLY B 32 -3.03 -29.03 7.60
N LEU B 33 -3.44 -30.00 8.42
CA LEU B 33 -4.42 -29.73 9.46
C LEU B 33 -3.89 -28.74 10.49
N SER B 34 -2.57 -28.60 10.61
CA SER B 34 -2.01 -27.66 11.58
C SER B 34 -2.29 -26.22 11.16
N MET B 35 -2.39 -25.97 9.86
CA MET B 35 -2.66 -24.63 9.35
C MET B 35 -4.14 -24.28 9.35
N VAL B 36 -5.01 -25.18 9.81
CA VAL B 36 -6.41 -24.86 9.99
C VAL B 36 -6.55 -24.16 11.32
N GLU B 37 -6.35 -22.84 11.33
CA GLU B 37 -6.34 -22.09 12.59
C GLU B 37 -7.69 -22.18 13.28
N THR B 38 -8.77 -22.07 12.52
CA THR B 38 -10.11 -22.11 13.09
C THR B 38 -11.03 -22.85 12.14
N MET B 39 -11.80 -23.78 12.69
CA MET B 39 -12.86 -24.48 11.96
C MET B 39 -14.12 -24.41 12.83
N ASP B 40 -14.87 -23.33 12.68
CA ASP B 40 -16.09 -23.15 13.46
C ASP B 40 -17.22 -23.94 12.83
N VAL B 41 -17.80 -24.87 13.59
CA VAL B 41 -18.85 -25.75 13.10
C VAL B 41 -20.10 -25.47 13.91
N THR B 42 -21.19 -25.15 13.22
CA THR B 42 -22.49 -24.95 13.83
C THR B 42 -23.46 -25.96 13.24
N VAL B 43 -24.22 -26.63 14.09
CA VAL B 43 -25.19 -27.63 13.67
C VAL B 43 -26.52 -27.24 14.30
N ASP B 44 -27.33 -26.50 13.54
CA ASP B 44 -28.67 -26.12 13.96
C ASP B 44 -28.64 -25.25 15.23
N GLY B 45 -27.89 -24.15 15.14
CA GLY B 45 -27.94 -23.13 16.17
C GLY B 45 -27.07 -23.40 17.39
N GLU B 46 -26.01 -24.19 17.27
CA GLU B 46 -25.09 -24.41 18.37
C GLU B 46 -23.70 -24.67 17.81
N ARG B 47 -22.74 -23.86 18.23
CA ARG B 47 -21.36 -24.04 17.79
C ARG B 47 -20.73 -25.22 18.51
N VAL B 48 -20.08 -26.09 17.75
CA VAL B 48 -19.47 -27.30 18.28
C VAL B 48 -18.08 -26.96 18.78
N PRO B 49 -17.74 -27.24 20.05
CA PRO B 49 -16.38 -27.00 20.52
C PRO B 49 -15.37 -27.89 19.82
N GLU B 50 -14.11 -27.45 19.84
CA GLU B 50 -13.04 -28.23 19.21
C GLU B 50 -12.87 -29.58 19.90
N GLU B 51 -12.98 -29.61 21.22
CA GLU B 51 -12.91 -30.89 21.92
C GLU B 51 -14.03 -31.83 21.51
N ASN B 52 -15.09 -31.30 20.89
CA ASN B 52 -16.19 -32.10 20.36
C ASN B 52 -16.07 -32.33 18.85
N LEU B 53 -14.93 -31.98 18.25
CA LEU B 53 -14.71 -32.17 16.82
C LEU B 53 -13.60 -33.21 16.62
N THR B 54 -13.87 -34.21 15.79
CA THR B 54 -12.87 -35.19 15.37
C THR B 54 -12.87 -35.17 13.83
N VAL B 55 -11.74 -34.78 13.25
CA VAL B 55 -11.65 -34.75 11.80
C VAL B 55 -11.06 -36.05 11.29
N THR B 56 -11.77 -36.71 10.38
CA THR B 56 -11.34 -37.97 9.79
C THR B 56 -10.99 -37.70 8.33
N LEU B 57 -9.69 -37.72 8.04
CA LEU B 57 -9.19 -37.61 6.68
C LEU B 57 -8.65 -38.99 6.28
N GLY B 58 -9.12 -39.50 5.16
CA GLY B 58 -8.78 -40.85 4.79
C GLY B 58 -9.20 -41.80 5.90
N ASP B 59 -8.27 -42.59 6.39
CA ASP B 59 -8.51 -43.51 7.50
C ASP B 59 -7.97 -43.00 8.81
N ARG B 60 -7.47 -41.77 8.87
CA ARG B 60 -6.86 -41.21 10.07
C ARG B 60 -7.82 -40.20 10.69
N THR B 61 -8.20 -40.43 11.94
CA THR B 61 -9.06 -39.54 12.69
C THR B 61 -8.23 -38.85 13.77
N VAL B 62 -8.33 -37.53 13.84
CA VAL B 62 -7.55 -36.70 14.75
C VAL B 62 -8.52 -35.81 15.51
N PRO B 63 -8.51 -35.80 16.85
CA PRO B 63 -9.25 -34.77 17.57
C PRO B 63 -8.79 -33.39 17.14
N PHE B 64 -9.73 -32.49 16.87
CA PHE B 64 -9.35 -31.20 16.30
C PHE B 64 -8.48 -30.40 17.27
N ALA B 65 -8.52 -30.70 18.56
CA ALA B 65 -7.67 -30.01 19.51
C ALA B 65 -6.21 -30.31 19.25
N ARG B 66 -5.87 -31.56 18.97
CA ARG B 66 -4.49 -31.98 18.75
C ARG B 66 -4.05 -31.80 17.30
N ARG B 67 -4.71 -30.90 16.56
CA ARG B 67 -4.39 -30.72 15.15
C ARG B 67 -3.03 -30.08 14.96
N ASP B 68 -2.55 -29.34 15.96
CA ASP B 68 -1.23 -28.72 15.84
C ASP B 68 -0.15 -29.78 15.67
N ASP B 69 -0.26 -30.88 16.41
CA ASP B 69 0.68 -31.98 16.25
C ASP B 69 0.58 -32.60 14.86
N GLU B 70 -0.61 -32.59 14.27
CA GLU B 70 -0.83 -33.21 12.96
C GLU B 70 -0.42 -32.26 11.84
N THR B 71 0.87 -31.93 11.83
CA THR B 71 1.42 -31.09 10.76
C THR B 71 1.57 -31.88 9.47
N ASP B 72 1.98 -33.15 9.56
CA ASP B 72 2.20 -33.96 8.37
C ASP B 72 0.89 -34.20 7.61
N THR B 73 -0.19 -34.45 8.34
CA THR B 73 -1.47 -34.72 7.69
C THR B 73 -1.87 -33.56 6.78
N ILE B 74 -2.35 -33.90 5.59
CA ILE B 74 -2.73 -32.91 4.59
C ILE B 74 -4.19 -33.14 4.22
N TRP B 75 -4.98 -32.06 4.25
CA TRP B 75 -6.36 -32.08 3.79
C TRP B 75 -6.35 -31.87 2.28
N ASN B 76 -6.58 -32.94 1.53
CA ASN B 76 -6.45 -32.90 0.08
C ASN B 76 -7.50 -31.99 -0.53
N PHE B 77 -7.15 -31.39 -1.67
CA PHE B 77 -8.06 -30.46 -2.33
C PHE B 77 -9.27 -31.22 -2.88
N GLY B 78 -10.45 -30.81 -2.45
CA GLY B 78 -11.67 -31.48 -2.83
C GLY B 78 -12.00 -32.70 -2.01
N GLU B 79 -11.12 -33.12 -1.11
CA GLU B 79 -11.37 -34.30 -0.30
C GLU B 79 -12.44 -33.99 0.74
N ILE B 80 -13.41 -34.88 0.86
CA ILE B 80 -14.49 -34.72 1.83
C ILE B 80 -14.03 -35.31 3.15
N ALA B 81 -13.54 -34.46 4.05
CA ALA B 81 -13.20 -34.90 5.39
C ALA B 81 -14.46 -35.16 6.17
N THR B 82 -14.49 -36.28 6.91
CA THR B 82 -15.63 -36.61 7.74
C THR B 82 -15.42 -35.93 9.09
N VAL B 83 -16.15 -34.84 9.31
CA VAL B 83 -15.94 -34.03 10.50
C VAL B 83 -16.98 -34.46 11.53
N THR B 84 -16.65 -35.44 12.36
CA THR B 84 -17.57 -35.93 13.36
C THR B 84 -17.69 -34.90 14.48
N ALA B 85 -18.91 -34.59 14.87
CA ALA B 85 -19.19 -33.66 15.96
C ALA B 85 -19.97 -34.43 17.03
N ARG B 86 -19.40 -34.50 18.23
CA ARG B 86 -20.05 -35.16 19.36
C ARG B 86 -21.02 -34.16 19.99
N LEU B 87 -22.16 -33.98 19.32
CA LEU B 87 -23.15 -33.02 19.77
C LEU B 87 -23.69 -33.45 21.13
N PRO B 88 -23.76 -32.54 22.12
CA PRO B 88 -24.28 -32.94 23.43
C PRO B 88 -25.70 -33.48 23.38
N HIS B 89 -26.55 -32.94 22.51
CA HIS B 89 -27.91 -33.39 22.34
C HIS B 89 -28.09 -33.96 20.94
N GLU B 90 -28.75 -35.12 20.88
CA GLU B 90 -28.96 -35.80 19.61
C GLU B 90 -29.81 -34.97 18.67
N LEU B 91 -29.50 -35.06 17.38
CA LEU B 91 -30.26 -34.36 16.35
C LEU B 91 -31.50 -35.19 16.02
N GLY B 92 -32.67 -34.63 16.30
CA GLY B 92 -33.92 -35.30 16.00
C GLY B 92 -34.09 -35.47 14.50
N PRO B 93 -34.74 -36.56 14.08
CA PRO B 93 -34.89 -36.79 12.63
C PRO B 93 -35.55 -35.61 11.94
N GLY B 94 -35.05 -35.28 10.76
CA GLY B 94 -35.64 -34.23 9.96
C GLY B 94 -34.57 -33.42 9.26
N GLU B 95 -34.90 -32.17 8.98
CA GLU B 95 -34.01 -31.24 8.29
C GLU B 95 -33.20 -30.46 9.30
N HIS B 96 -31.89 -30.34 9.06
CA HIS B 96 -30.97 -29.64 9.95
C HIS B 96 -30.04 -28.76 9.14
N GLN B 97 -29.80 -27.55 9.63
CA GLN B 97 -28.93 -26.60 8.95
C GLN B 97 -27.54 -26.71 9.57
N VAL B 98 -26.54 -26.95 8.72
CA VAL B 98 -25.15 -27.07 9.14
C VAL B 98 -24.37 -25.95 8.48
N GLY B 99 -23.61 -25.20 9.27
CA GLY B 99 -22.83 -24.10 8.75
C GLY B 99 -21.42 -24.10 9.31
N VAL B 100 -20.44 -24.02 8.43
CA VAL B 100 -19.04 -24.10 8.83
C VAL B 100 -18.31 -22.87 8.33
N ASN B 101 -17.59 -22.21 9.23
CA ASN B 101 -16.72 -21.10 8.92
C ASN B 101 -15.28 -21.55 9.09
N PHE B 102 -14.41 -21.05 8.21
CA PHE B 102 -13.04 -21.52 8.12
C PHE B 102 -12.11 -20.32 8.18
N GLY B 103 -11.10 -20.43 9.03
CA GLY B 103 -10.00 -19.49 9.06
C GLY B 103 -8.70 -20.24 8.94
N LEU B 104 -8.00 -20.03 7.84
CA LEU B 104 -6.81 -20.79 7.50
C LEU B 104 -5.58 -19.92 7.70
N ARG B 105 -4.57 -20.49 8.37
CA ARG B 105 -3.29 -19.83 8.60
C ARG B 105 -2.43 -19.99 7.36
N ILE B 106 -2.73 -19.18 6.34
CA ILE B 106 -1.94 -19.17 5.12
C ILE B 106 -0.68 -18.35 5.38
N SER B 107 0.46 -18.88 4.96
CA SER B 107 1.73 -18.24 5.26
C SER B 107 1.94 -16.99 4.42
N TYR B 108 1.60 -17.05 3.13
CA TYR B 108 1.80 -15.93 2.23
C TYR B 108 0.63 -14.95 2.25
N PHE B 109 -0.17 -14.97 3.32
CA PHE B 109 -1.30 -14.07 3.46
C PHE B 109 -1.22 -13.43 4.84
N PRO B 110 -1.23 -12.10 4.94
CA PRO B 110 -1.08 -11.47 6.26
C PRO B 110 -2.14 -11.87 7.26
N VAL B 111 -3.38 -12.05 6.82
CA VAL B 111 -4.49 -12.39 7.71
C VAL B 111 -5.01 -13.76 7.30
N PRO B 112 -5.66 -14.47 8.22
CA PRO B 112 -6.16 -15.81 7.88
C PRO B 112 -7.15 -15.75 6.72
N MET B 113 -7.06 -16.73 5.82
CA MET B 113 -8.04 -16.84 4.75
C MET B 113 -9.36 -17.31 5.32
N VAL B 114 -10.43 -16.60 4.97
CA VAL B 114 -11.74 -16.84 5.57
C VAL B 114 -12.67 -17.41 4.51
N GLY B 115 -13.32 -18.53 4.85
CA GLY B 115 -14.41 -19.04 4.05
C GLY B 115 -15.61 -19.30 4.94
N GLN B 116 -16.77 -19.43 4.32
CA GLN B 116 -17.98 -19.67 5.10
C GLN B 116 -19.02 -20.37 4.25
N ASP B 117 -19.78 -21.27 4.87
CA ASP B 117 -20.88 -21.92 4.20
C ASP B 117 -21.97 -22.22 5.21
N ALA B 118 -23.20 -22.29 4.73
CA ALA B 118 -24.35 -22.65 5.57
C ALA B 118 -25.37 -23.34 4.68
N LYS B 119 -25.42 -24.67 4.75
CA LYS B 119 -26.34 -25.46 3.95
C LYS B 119 -27.40 -26.09 4.85
N THR B 120 -28.45 -26.62 4.21
CA THR B 120 -29.55 -27.27 4.90
C THR B 120 -29.61 -28.72 4.44
N LEU B 121 -29.07 -29.62 5.26
CA LEU B 121 -29.05 -31.03 4.94
C LEU B 121 -30.14 -31.73 5.75
N LYS B 122 -30.21 -33.05 5.66
CA LYS B 122 -31.14 -33.82 6.48
C LYS B 122 -30.57 -35.21 6.69
N LEU B 123 -31.06 -35.89 7.72
CA LEU B 123 -30.55 -37.21 8.09
C LEU B 123 -31.67 -38.23 8.17
N PRO C 4 26.69 19.01 -15.23
CA PRO C 4 26.25 20.28 -14.66
C PRO C 4 26.53 20.39 -13.17
N GLN C 5 25.83 21.29 -12.48
CA GLN C 5 26.05 21.55 -11.07
C GLN C 5 24.75 21.41 -10.30
N ILE C 6 24.82 20.76 -9.14
CA ILE C 6 23.70 20.64 -8.23
C ILE C 6 23.84 21.75 -7.20
N LYS C 7 22.84 22.63 -7.13
CA LYS C 7 22.92 23.80 -6.28
C LYS C 7 22.31 23.50 -4.92
N ARG C 8 23.04 23.82 -3.87
CA ARG C 8 22.49 23.69 -2.53
C ARG C 8 21.47 24.79 -2.29
N GLY C 9 20.28 24.39 -1.85
CA GLY C 9 19.24 25.32 -1.49
C GLY C 9 18.62 24.87 -0.19
N VAL C 10 17.71 25.69 0.32
CA VAL C 10 16.98 25.37 1.54
C VAL C 10 15.51 25.69 1.32
N SER C 11 14.64 24.83 1.85
CA SER C 11 13.23 25.17 1.96
C SER C 11 13.02 25.83 3.31
N LEU C 12 12.46 27.04 3.30
CA LEU C 12 12.23 27.71 4.57
C LEU C 12 11.33 26.89 5.48
N TYR C 13 10.59 25.95 4.91
CA TYR C 13 9.97 24.89 5.69
C TYR C 13 10.92 24.30 6.72
N SER C 14 12.21 24.20 6.39
CA SER C 14 13.18 23.64 7.35
C SER C 14 13.18 24.43 8.65
N PHE C 15 13.09 25.74 8.57
CA PHE C 15 13.07 26.60 9.74
C PHE C 15 11.67 26.88 10.25
N GLN C 16 10.68 26.10 9.81
CA GLN C 16 9.32 26.30 10.24
C GLN C 16 9.17 26.29 11.76
N GLU C 17 10.02 25.54 12.47
CA GLU C 17 9.94 25.54 13.92
C GLU C 17 10.25 26.92 14.49
N GLU C 18 11.30 27.57 13.99
CA GLU C 18 11.72 28.85 14.53
C GLU C 18 10.73 29.95 14.17
N PHE C 19 10.24 29.94 12.92
CA PHE C 19 9.25 30.92 12.50
C PHE C 19 7.97 30.80 13.33
N PHE C 20 7.57 29.58 13.64
CA PHE C 20 6.33 29.36 14.37
C PHE C 20 6.36 30.03 15.74
N LEU C 21 7.48 29.90 16.45
CA LEU C 21 7.64 30.47 17.78
C LEU C 21 8.17 31.90 17.73
N ARG C 22 8.29 32.47 16.53
CA ARG C 22 8.70 33.87 16.36
C ARG C 22 10.13 34.09 16.83
N LYS C 23 11.00 33.10 16.62
CA LYS C 23 12.42 33.28 16.86
C LYS C 23 13.14 33.75 15.61
N MET C 24 12.65 33.35 14.44
CA MET C 24 13.22 33.74 13.16
C MET C 24 12.15 34.37 12.28
N THR C 25 12.46 35.53 11.74
CA THR C 25 11.61 36.16 10.74
C THR C 25 11.98 35.64 9.37
N LEU C 26 11.22 36.05 8.35
CA LEU C 26 11.55 35.66 6.99
C LEU C 26 12.92 36.19 6.60
N GLU C 27 13.20 37.45 6.95
CA GLU C 27 14.54 38.00 6.71
C GLU C 27 15.59 37.18 7.43
N ASP C 28 15.32 36.80 8.68
CA ASP C 28 16.26 35.97 9.42
C ASP C 28 16.45 34.62 8.77
N CYS C 29 15.36 34.01 8.28
CA CYS C 29 15.47 32.71 7.64
C CYS C 29 16.33 32.79 6.38
N VAL C 30 16.09 33.79 5.52
CA VAL C 30 16.92 33.97 4.35
C VAL C 30 18.37 34.30 4.68
N ALA C 31 18.60 35.11 5.72
CA ALA C 31 19.97 35.38 6.15
C ALA C 31 20.68 34.13 6.63
N ALA C 32 19.97 33.28 7.39
CA ALA C 32 20.56 32.03 7.84
C ALA C 32 20.89 31.14 6.65
N CYS C 33 19.98 31.04 5.68
CA CYS C 33 20.29 30.29 4.47
C CYS C 33 21.53 30.86 3.78
N ALA C 34 21.64 32.18 3.71
CA ALA C 34 22.82 32.80 3.10
C ALA C 34 24.09 32.44 3.86
N SER C 35 24.02 32.35 5.18
CA SER C 35 25.20 32.00 5.97
C SER C 35 25.73 30.63 5.58
N MET C 36 24.83 29.65 5.40
CA MET C 36 25.23 28.31 5.01
C MET C 36 25.77 28.25 3.60
N GLY C 37 25.61 29.30 2.80
CA GLY C 37 25.92 29.22 1.40
C GLY C 37 24.82 28.61 0.56
N ALA C 38 23.64 28.41 1.13
CA ALA C 38 22.51 27.79 0.44
C ALA C 38 21.58 28.90 -0.03
N TYR C 39 21.94 29.49 -1.17
CA TYR C 39 21.26 30.68 -1.65
C TYR C 39 19.90 30.38 -2.25
N GLY C 40 19.71 29.20 -2.83
CA GLY C 40 18.38 28.84 -3.31
C GLY C 40 17.39 28.81 -2.17
N ILE C 41 16.28 29.52 -2.34
CA ILE C 41 15.26 29.65 -1.31
C ILE C 41 13.96 29.08 -1.86
N GLU C 42 13.39 28.12 -1.15
CA GLU C 42 12.08 27.57 -1.50
C GLU C 42 11.09 27.96 -0.41
N SER C 43 9.98 28.55 -0.82
CA SER C 43 9.07 29.21 0.10
C SER C 43 7.67 28.63 0.00
N LEU C 44 7.03 28.49 1.16
CA LEU C 44 5.62 28.16 1.28
C LEU C 44 4.88 29.46 1.57
N ALA C 45 4.26 30.03 0.54
CA ALA C 45 3.59 31.32 0.71
C ALA C 45 2.55 31.27 1.81
N GLU C 46 1.85 30.15 1.94
CA GLU C 46 0.84 29.99 2.99
C GLU C 46 1.44 29.80 4.37
N GLN C 47 2.75 29.64 4.47
CA GLN C 47 3.44 29.37 5.73
C GLN C 47 4.17 30.58 6.28
N MET C 48 4.84 31.36 5.43
CA MET C 48 5.71 32.44 5.88
C MET C 48 5.20 33.84 5.53
N MET C 49 4.24 33.96 4.62
CA MET C 49 3.86 35.24 4.03
C MET C 49 2.36 35.45 4.24
N PRO C 50 1.96 36.00 5.39
CA PRO C 50 0.55 36.34 5.59
C PRO C 50 0.10 37.44 4.64
N GLY C 51 -1.18 37.39 4.28
CA GLY C 51 -1.76 38.26 3.29
C GLY C 51 -1.86 37.62 1.92
N PHE C 52 -1.10 36.57 1.68
CA PHE C 52 -1.27 35.77 0.49
C PHE C 52 -2.72 35.27 0.43
N PRO C 53 -3.35 35.24 -0.75
CA PRO C 53 -2.82 35.53 -2.09
C PRO C 53 -2.68 37.00 -2.41
N ASN C 54 -3.58 37.83 -1.88
CA ASN C 54 -3.59 39.26 -2.19
C ASN C 54 -2.61 39.96 -1.27
N LEU C 55 -1.33 39.92 -1.68
CA LEU C 55 -0.28 40.62 -0.97
C LEU C 55 -0.13 42.04 -1.52
N ASP C 56 0.46 42.91 -0.69
CA ASP C 56 0.72 44.27 -1.12
C ASP C 56 1.84 44.29 -2.15
N ASP C 57 1.70 45.18 -3.14
CA ASP C 57 2.75 45.33 -4.14
C ASP C 57 4.08 45.72 -3.51
N ALA C 58 4.06 46.36 -2.34
CA ALA C 58 5.29 46.66 -1.62
C ALA C 58 5.91 45.41 -1.00
N PHE C 59 5.12 44.39 -0.70
CA PHE C 59 5.69 43.15 -0.18
C PHE C 59 6.67 42.54 -1.16
N TYR C 60 6.31 42.54 -2.45
CA TYR C 60 7.17 41.91 -3.44
C TYR C 60 8.45 42.72 -3.65
N ASP C 61 8.35 44.05 -3.61
CA ASP C 61 9.56 44.87 -3.66
C ASP C 61 10.45 44.60 -2.46
N GLY C 62 9.85 44.45 -1.27
CA GLY C 62 10.63 44.09 -0.10
C GLY C 62 11.27 42.73 -0.22
N TRP C 63 10.56 41.77 -0.83
CA TRP C 63 11.13 40.45 -1.07
C TRP C 63 12.33 40.52 -1.99
N HIS C 64 12.22 41.29 -3.07
CA HIS C 64 13.35 41.46 -3.97
C HIS C 64 14.51 42.16 -3.28
N ALA C 65 14.24 43.15 -2.44
CA ALA C 65 15.27 43.81 -1.66
C ALA C 65 15.96 42.83 -0.71
N MET C 66 15.18 41.99 -0.03
CA MET C 66 15.74 40.93 0.80
C MET C 66 16.72 40.08 0.00
N MET C 67 16.24 39.58 -1.14
CA MET C 67 17.05 38.66 -1.94
C MET C 67 18.33 39.33 -2.41
N ALA C 68 18.24 40.58 -2.87
CA ALA C 68 19.44 41.30 -3.29
C ALA C 68 20.39 41.51 -2.11
N LYS C 69 19.86 41.81 -0.93
CA LYS C 69 20.70 42.04 0.23
C LYS C 69 21.47 40.78 0.62
N TYR C 70 20.81 39.63 0.58
CA TYR C 70 21.45 38.38 1.00
C TYR C 70 21.94 37.52 -0.16
N GLY C 71 21.91 38.04 -1.39
CA GLY C 71 22.39 37.28 -2.52
C GLY C 71 21.66 35.99 -2.77
N THR C 72 20.46 35.85 -2.24
CA THR C 72 19.67 34.64 -2.42
C THR C 72 18.83 34.73 -3.68
N VAL C 73 18.36 33.56 -4.14
CA VAL C 73 17.52 33.45 -5.32
C VAL C 73 16.31 32.60 -4.95
N SER C 74 15.12 33.12 -5.23
CA SER C 74 13.88 32.38 -4.97
C SER C 74 13.69 31.35 -6.09
N VAL C 75 13.61 30.08 -5.70
CA VAL C 75 13.66 28.99 -6.68
C VAL C 75 12.28 28.40 -6.89
N CYS C 76 11.69 27.85 -5.83
CA CYS C 76 10.46 27.10 -5.93
C CYS C 76 9.44 27.64 -4.95
N HIS C 77 8.19 27.70 -5.38
CA HIS C 77 7.07 28.11 -4.54
C HIS C 77 6.19 26.90 -4.29
N ASP C 78 5.91 26.60 -3.03
CA ASP C 78 5.09 25.45 -2.67
C ASP C 78 3.63 25.86 -2.74
N MET C 79 2.93 25.37 -3.75
CA MET C 79 1.50 25.61 -3.86
C MET C 79 0.73 24.62 -3.00
N PHE C 80 -0.45 25.05 -2.56
CA PHE C 80 -1.30 24.24 -1.68
C PHE C 80 -2.73 24.36 -2.19
N LEU C 81 -3.20 23.31 -2.86
CA LEU C 81 -4.54 23.30 -3.44
C LEU C 81 -5.51 22.70 -2.43
N ASP C 82 -6.43 23.53 -1.94
CA ASP C 82 -7.38 23.11 -0.92
C ASP C 82 -8.64 22.63 -1.62
N THR C 83 -8.52 21.47 -2.27
CA THR C 83 -9.63 20.91 -3.03
C THR C 83 -10.84 20.65 -2.13
N LYS C 84 -10.62 20.33 -0.85
CA LYS C 84 -11.70 20.16 0.11
C LYS C 84 -12.00 21.45 0.86
N LYS C 85 -11.85 22.59 0.17
CA LYS C 85 -12.03 23.89 0.80
C LYS C 85 -13.45 24.06 1.31
N PHE C 86 -14.44 23.62 0.54
CA PHE C 86 -15.85 23.70 0.92
C PHE C 86 -16.29 22.38 1.51
N ARG C 87 -16.90 22.42 2.69
CA ARG C 87 -17.32 21.22 3.37
C ARG C 87 -18.35 20.47 2.54
N GLY C 88 -18.27 19.14 2.58
CA GLY C 88 -19.23 18.30 1.88
C GLY C 88 -19.27 18.55 0.39
N ARG C 89 -18.12 18.81 -0.22
CA ARG C 89 -18.07 19.12 -1.64
C ARG C 89 -16.62 19.24 -2.04
N LEU C 90 -16.35 18.91 -3.30
CA LEU C 90 -15.03 19.03 -3.89
C LEU C 90 -15.06 20.17 -4.90
N MET C 91 -14.20 21.16 -4.72
CA MET C 91 -14.30 22.34 -5.56
C MET C 91 -14.19 21.95 -7.02
N THR C 92 -15.09 22.50 -7.83
CA THR C 92 -15.11 22.18 -9.25
C THR C 92 -13.74 22.44 -9.86
N LEU C 93 -13.47 21.76 -10.98
CA LEU C 93 -12.24 22.02 -11.70
C LEU C 93 -12.11 23.50 -12.05
N ASP C 94 -13.24 24.18 -12.28
CA ASP C 94 -13.19 25.62 -12.51
C ASP C 94 -12.68 26.39 -11.30
N GLU C 95 -13.12 26.04 -10.09
CA GLU C 95 -12.57 26.65 -8.89
C GLU C 95 -11.11 26.31 -8.72
N GLN C 96 -10.74 25.07 -9.02
CA GLN C 96 -9.34 24.66 -8.91
C GLN C 96 -8.46 25.44 -9.87
N VAL C 97 -9.00 25.79 -11.04
CA VAL C 97 -8.19 26.52 -12.01
C VAL C 97 -7.83 27.90 -11.48
N GLU C 98 -8.80 28.63 -10.94
CA GLU C 98 -8.48 29.95 -10.40
C GLU C 98 -7.66 29.87 -9.12
N SER C 99 -7.90 28.86 -8.28
CA SER C 99 -7.04 28.67 -7.11
C SER C 99 -5.60 28.37 -7.52
N PHE C 100 -5.41 27.71 -8.66
CA PHE C 100 -4.07 27.46 -9.18
C PHE C 100 -3.46 28.71 -9.78
N VAL C 101 -4.25 29.47 -10.55
CA VAL C 101 -3.75 30.69 -11.16
C VAL C 101 -3.31 31.67 -10.10
N ARG C 102 -4.04 31.70 -8.98
CA ARG C 102 -3.60 32.40 -7.78
C ARG C 102 -2.12 32.15 -7.50
N ASP C 103 -1.76 30.88 -7.29
CA ASP C 103 -0.38 30.54 -6.95
C ASP C 103 0.57 30.83 -8.11
N ILE C 104 0.10 30.66 -9.34
CA ILE C 104 0.96 30.90 -10.49
C ILE C 104 1.39 32.37 -10.54
N ARG C 105 0.43 33.28 -10.39
CA ARG C 105 0.75 34.70 -10.47
C ARG C 105 1.26 35.24 -9.13
N HIS C 106 1.25 34.46 -8.06
CA HIS C 106 2.06 34.78 -6.90
C HIS C 106 3.53 34.43 -7.16
N ALA C 107 3.77 33.23 -7.69
CA ALA C 107 5.13 32.80 -7.94
C ALA C 107 5.81 33.67 -8.97
N SER C 108 5.10 34.08 -10.01
CA SER C 108 5.74 34.91 -11.02
C SER C 108 6.25 36.21 -10.44
N ARG C 109 5.45 36.84 -9.58
CA ARG C 109 5.85 38.13 -8.95
C ARG C 109 7.00 37.90 -7.95
N LEU C 110 6.95 36.80 -7.20
CA LEU C 110 8.03 36.48 -6.22
C LEU C 110 9.35 36.28 -6.97
N GLY C 111 9.29 35.74 -8.19
CA GLY C 111 10.50 35.48 -8.98
C GLY C 111 10.83 34.00 -8.98
N CYS C 112 9.87 33.16 -8.63
CA CYS C 112 10.12 31.73 -8.56
C CYS C 112 10.03 31.10 -9.94
N THR C 113 10.79 30.03 -10.12
CA THR C 113 10.85 29.32 -11.40
C THR C 113 10.03 28.04 -11.43
N VAL C 114 9.77 27.44 -10.27
CA VAL C 114 9.04 26.18 -10.20
C VAL C 114 7.93 26.33 -9.17
N ILE C 115 6.86 25.57 -9.37
CA ILE C 115 5.75 25.51 -8.43
C ILE C 115 5.58 24.06 -8.03
N ARG C 116 5.77 23.77 -6.75
CA ARG C 116 5.68 22.42 -6.22
C ARG C 116 4.21 22.06 -6.09
N VAL C 117 3.67 21.43 -7.12
CA VAL C 117 2.28 20.98 -7.08
C VAL C 117 2.20 19.74 -6.21
N LEU C 118 1.20 19.70 -5.34
CA LEU C 118 1.00 18.55 -4.48
C LEU C 118 0.83 17.28 -5.31
N ASN C 119 1.10 16.15 -4.67
CA ASN C 119 1.11 14.88 -5.37
C ASN C 119 -0.28 14.39 -5.75
N PHE C 120 -1.33 15.01 -5.21
CA PHE C 120 -2.70 14.53 -5.39
C PHE C 120 -3.46 15.23 -6.49
N VAL C 121 -2.91 16.30 -7.09
CA VAL C 121 -3.63 17.03 -8.12
C VAL C 121 -3.88 16.12 -9.31
N SER C 122 -5.07 16.19 -9.88
CA SER C 122 -5.41 15.36 -11.01
C SER C 122 -4.63 15.80 -12.24
N PRO C 123 -4.34 14.89 -13.16
CA PRO C 123 -3.76 15.31 -14.45
C PRO C 123 -4.66 16.25 -15.22
N GLU C 124 -5.98 16.17 -15.02
CA GLU C 124 -6.89 17.09 -15.71
C GLU C 124 -6.65 18.53 -15.26
N LEU C 125 -6.49 18.75 -13.96
CA LEU C 125 -6.22 20.08 -13.46
C LEU C 125 -4.89 20.59 -13.99
N MET C 126 -3.87 19.72 -14.02
CA MET C 126 -2.59 20.11 -14.60
C MET C 126 -2.71 20.44 -16.08
N GLU C 127 -3.66 19.81 -16.78
CA GLU C 127 -3.85 20.11 -18.20
C GLU C 127 -4.56 21.44 -18.39
N LYS C 128 -5.54 21.76 -17.55
CA LYS C 128 -6.30 22.99 -17.72
C LYS C 128 -5.53 24.22 -17.28
N VAL C 129 -4.65 24.09 -16.28
CA VAL C 129 -3.87 25.24 -15.83
C VAL C 129 -2.62 25.45 -16.67
N LEU C 130 -2.27 24.50 -17.53
CA LEU C 130 -1.08 24.64 -18.35
C LEU C 130 -1.11 25.87 -19.24
N PRO C 131 -2.19 26.18 -19.96
CA PRO C 131 -2.22 27.43 -20.74
C PRO C 131 -1.98 28.66 -19.89
N HIS C 132 -2.49 28.68 -18.66
CA HIS C 132 -2.25 29.81 -17.78
C HIS C 132 -0.80 29.86 -17.33
N ALA C 133 -0.19 28.70 -17.11
CA ALA C 133 1.21 28.66 -16.69
C ALA C 133 2.15 29.02 -17.83
N GLU C 134 1.73 28.87 -19.08
CA GLU C 134 2.55 29.31 -20.19
C GLU C 134 2.62 30.83 -20.29
N GLN C 135 1.56 31.54 -19.90
CA GLN C 135 1.60 33.00 -19.91
C GLN C 135 2.70 33.52 -18.99
N SER C 136 2.83 32.93 -17.80
CA SER C 136 3.81 33.37 -16.81
C SER C 136 5.12 32.58 -16.88
N ASN C 137 5.22 31.61 -17.79
CA ASN C 137 6.44 30.81 -17.94
C ASN C 137 6.79 30.09 -16.65
N MET C 138 5.78 29.54 -15.98
CA MET C 138 5.98 28.84 -14.73
C MET C 138 5.99 27.33 -14.95
N ARG C 139 6.99 26.67 -14.38
CA ARG C 139 7.09 25.22 -14.40
C ARG C 139 6.25 24.66 -13.27
N LEU C 140 5.47 23.62 -13.57
CA LEU C 140 4.62 22.95 -12.59
C LEU C 140 5.21 21.58 -12.31
N GLY C 141 5.83 21.43 -11.14
CA GLY C 141 6.44 20.18 -10.80
C GLY C 141 5.62 19.40 -9.80
N LEU C 142 5.06 18.28 -10.23
CA LEU C 142 4.34 17.40 -9.32
C LEU C 142 5.32 16.76 -8.35
N GLU C 143 4.99 16.78 -7.07
CA GLU C 143 5.86 16.21 -6.05
C GLU C 143 5.68 14.71 -6.01
N ILE C 144 6.76 13.96 -6.27
CA ILE C 144 6.76 12.52 -6.10
C ILE C 144 7.35 12.25 -4.72
N HIS C 145 6.48 12.04 -3.74
CA HIS C 145 6.89 11.77 -2.37
C HIS C 145 6.25 10.47 -1.93
N ALA C 146 6.96 9.76 -1.06
CA ALA C 146 6.54 8.45 -0.57
C ALA C 146 5.08 8.52 -0.14
N PRO C 147 4.31 7.44 -0.29
CA PRO C 147 4.66 6.07 -0.67
C PRO C 147 4.79 5.83 -2.17
N MET C 148 4.90 6.86 -2.94
CA MET C 148 4.92 6.70 -4.40
C MET C 148 6.35 6.80 -4.95
N HIS C 149 6.51 6.68 -6.25
CA HIS C 149 7.79 6.64 -6.95
C HIS C 149 7.48 6.87 -8.42
N PHE C 150 8.52 6.79 -9.25
CA PHE C 150 8.35 7.07 -10.66
C PHE C 150 7.66 5.95 -11.42
N GLU C 151 7.26 4.87 -10.73
CA GLU C 151 6.57 3.76 -11.37
C GLU C 151 5.19 3.51 -10.76
N HIS C 152 4.70 4.43 -9.94
CA HIS C 152 3.37 4.29 -9.39
C HIS C 152 2.33 4.49 -10.49
N PRO C 153 1.18 3.81 -10.39
CA PRO C 153 0.12 4.04 -11.38
C PRO C 153 -0.31 5.50 -11.49
N TRP C 154 -0.36 6.22 -10.36
CA TRP C 154 -0.71 7.64 -10.41
C TRP C 154 0.34 8.42 -11.19
N VAL C 155 1.61 8.16 -10.92
CA VAL C 155 2.67 8.84 -11.65
C VAL C 155 2.64 8.45 -13.12
N LEU C 156 2.32 7.19 -13.41
CA LEU C 156 2.24 6.76 -14.81
C LEU C 156 1.10 7.48 -15.53
N ARG C 157 -0.04 7.66 -14.87
CA ARG C 157 -1.13 8.39 -15.50
C ARG C 157 -0.75 9.85 -15.72
N HIS C 158 -0.07 10.46 -14.75
CA HIS C 158 0.42 11.82 -14.94
C HIS C 158 1.35 11.89 -16.15
N ILE C 159 2.28 10.93 -16.25
CA ILE C 159 3.21 10.91 -17.37
C ILE C 159 2.47 10.81 -18.69
N GLU C 160 1.51 9.87 -18.79
CA GLU C 160 0.80 9.72 -20.05
C GLU C 160 -0.04 10.94 -20.37
N PHE C 161 -0.55 11.63 -19.33
CA PHE C 161 -1.27 12.88 -19.57
C PHE C 161 -0.33 13.96 -20.09
N MET C 162 0.93 13.93 -19.66
CA MET C 162 1.88 14.97 -20.04
C MET C 162 2.86 14.55 -21.13
N ASP C 163 2.62 13.43 -21.81
CA ASP C 163 3.30 13.19 -23.08
C ASP C 163 2.45 13.52 -24.29
N ARG C 164 1.12 13.50 -24.13
CA ARG C 164 0.22 13.98 -25.17
C ARG C 164 0.03 15.49 -25.09
N LEU C 165 0.63 16.14 -24.09
CA LEU C 165 0.67 17.59 -24.01
C LEU C 165 1.98 18.17 -24.49
N GLY C 166 3.09 17.44 -24.32
CA GLY C 166 4.37 17.88 -24.86
C GLY C 166 4.84 19.22 -24.35
N SER C 167 4.41 19.61 -23.14
CA SER C 167 4.81 20.88 -22.57
C SER C 167 5.96 20.66 -21.60
N PRO C 168 7.11 21.29 -21.79
CA PRO C 168 8.22 21.13 -20.82
C PRO C 168 8.00 21.85 -19.50
N LEU C 169 6.85 22.49 -19.28
CA LEU C 169 6.52 23.10 -18.01
C LEU C 169 5.93 22.10 -17.02
N LEU C 170 5.70 20.86 -17.44
CA LEU C 170 5.18 19.82 -16.57
C LEU C 170 6.28 18.81 -16.29
N GLY C 171 6.52 18.55 -15.02
CA GLY C 171 7.56 17.63 -14.61
C GLY C 171 7.36 17.15 -13.20
N PHE C 172 8.46 16.89 -12.51
CA PHE C 172 8.42 16.21 -11.23
C PHE C 172 9.35 16.87 -10.23
N ILE C 173 9.02 16.68 -8.95
CA ILE C 173 9.86 17.13 -7.85
C ILE C 173 10.06 15.95 -6.91
N PRO C 174 11.07 15.11 -7.12
CA PRO C 174 11.23 13.93 -6.26
C PRO C 174 11.48 14.32 -4.82
N ASP C 175 10.83 13.61 -3.91
CA ASP C 175 11.14 13.73 -2.50
C ASP C 175 12.22 12.71 -2.12
N MET C 176 12.86 12.96 -0.99
CA MET C 176 13.91 12.05 -0.52
C MET C 176 13.39 10.96 0.39
N GLY C 177 12.12 11.02 0.78
CA GLY C 177 11.52 9.93 1.53
C GLY C 177 11.29 8.68 0.72
N ILE C 178 11.30 8.79 -0.62
CA ILE C 178 11.25 7.60 -1.47
C ILE C 178 12.57 6.86 -1.49
N PHE C 179 13.61 7.42 -0.87
CA PHE C 179 14.85 6.72 -0.59
C PHE C 179 15.07 6.78 0.91
N THR C 180 14.44 5.86 1.63
CA THR C 180 14.57 5.76 3.08
C THR C 180 15.19 4.40 3.37
N LYS C 181 16.51 4.37 3.44
CA LYS C 181 17.23 3.11 3.55
C LYS C 181 16.88 2.37 4.83
N HIS C 182 16.76 3.10 5.94
CA HIS C 182 16.43 2.50 7.22
C HIS C 182 15.25 3.23 7.82
N PHE C 183 14.55 2.53 8.71
CA PHE C 183 13.51 3.20 9.49
C PHE C 183 14.16 4.34 10.25
N PRO C 184 13.70 5.58 10.09
CA PRO C 184 14.40 6.71 10.68
C PRO C 184 14.56 6.54 12.18
N PRO C 185 15.78 6.68 12.71
CA PRO C 185 15.94 6.57 14.17
C PRO C 185 15.11 7.57 14.96
N VAL C 186 14.96 8.80 14.46
CA VAL C 186 14.13 9.77 15.18
C VAL C 186 12.71 9.26 15.30
N MET C 187 12.17 8.71 14.21
CA MET C 187 10.85 8.12 14.26
C MET C 187 10.81 6.98 15.27
N ALA C 188 11.87 6.17 15.31
CA ALA C 188 11.90 5.04 16.22
C ALA C 188 11.84 5.50 17.67
N GLU C 189 12.70 6.45 18.04
CA GLU C 189 12.70 6.91 19.44
C GLU C 189 11.42 7.65 19.78
N ARG C 190 10.89 8.44 18.85
CA ARG C 190 9.57 9.03 19.08
C ARG C 190 8.57 7.95 19.43
N LEU C 191 8.47 6.92 18.59
CA LEU C 191 7.49 5.86 18.82
C LEU C 191 7.74 5.16 20.15
N ILE C 192 9.00 4.94 20.51
CA ILE C 192 9.32 4.30 21.78
C ILE C 192 8.85 5.16 22.95
N ARG C 193 9.03 6.48 22.85
CA ARG C 193 8.60 7.37 23.94
C ARG C 193 7.18 7.87 23.75
N GLN C 194 6.47 7.45 22.71
CA GLN C 194 5.02 7.57 22.67
C GLN C 194 4.34 6.41 23.38
N GLY C 195 5.10 5.39 23.77
CA GLY C 195 4.56 4.22 24.42
C GLY C 195 4.74 2.91 23.69
N ALA C 196 5.56 2.88 22.63
CA ALA C 196 5.80 1.65 21.90
C ALA C 196 6.77 0.76 22.67
N THR C 197 6.61 -0.54 22.48
CA THR C 197 7.47 -1.52 23.15
C THR C 197 8.80 -1.61 22.40
N PRO C 198 9.94 -1.37 23.06
CA PRO C 198 11.20 -1.25 22.28
C PRO C 198 11.51 -2.46 21.41
N HIS C 199 11.31 -3.67 21.91
CA HIS C 199 11.72 -4.86 21.15
C HIS C 199 10.90 -5.00 19.87
N ILE C 200 9.60 -4.73 19.94
CA ILE C 200 8.79 -4.78 18.72
C ILE C 200 9.22 -3.69 17.75
N ILE C 201 9.65 -2.54 18.27
CA ILE C 201 10.16 -1.50 17.39
C ILE C 201 11.42 -1.97 16.68
N GLU C 202 12.33 -2.63 17.39
CA GLU C 202 13.51 -3.17 16.72
C GLU C 202 13.11 -4.19 15.68
N TYR C 203 12.10 -5.01 15.99
CA TYR C 203 11.59 -5.95 15.00
C TYR C 203 11.09 -5.23 13.75
N ILE C 204 10.32 -4.15 13.94
CA ILE C 204 9.77 -3.42 12.79
C ILE C 204 10.90 -2.81 11.98
N ARG C 205 11.92 -2.26 12.65
CA ARG C 205 13.05 -1.70 11.92
C ARG C 205 13.78 -2.76 11.12
N GLU C 206 13.97 -3.94 11.72
CA GLU C 206 14.61 -5.04 10.98
C GLU C 206 13.77 -5.43 9.78
N GLN C 207 12.45 -5.52 9.95
CA GLN C 207 11.57 -5.89 8.85
C GLN C 207 11.64 -4.86 7.74
N TYR C 208 11.70 -3.58 8.11
CA TYR C 208 11.88 -2.53 7.12
C TYR C 208 13.20 -2.71 6.38
N ASP C 209 14.26 -3.04 7.12
CA ASP C 209 15.55 -3.26 6.47
C ASP C 209 15.48 -4.42 5.49
N ARG C 210 14.66 -5.43 5.78
CA ARG C 210 14.47 -6.57 4.91
C ARG C 210 13.43 -6.31 3.83
N ARG C 211 12.73 -5.18 3.90
CA ARG C 211 11.76 -4.78 2.88
C ARG C 211 10.52 -5.65 2.86
N VAL C 212 10.21 -6.30 3.98
CA VAL C 212 8.99 -7.08 4.06
C VAL C 212 7.80 -6.15 3.83
N LEU C 213 6.80 -6.65 3.12
CA LEU C 213 5.65 -5.83 2.77
C LEU C 213 4.95 -5.33 4.02
N ALA C 214 4.45 -4.10 3.93
CA ALA C 214 3.84 -3.47 5.10
C ALA C 214 2.69 -4.30 5.64
N GLU C 215 2.01 -5.07 4.79
CA GLU C 215 0.89 -5.88 5.26
C GLU C 215 1.38 -7.00 6.17
N TYR C 216 2.43 -7.71 5.75
CA TYR C 216 2.98 -8.76 6.59
C TYR C 216 3.50 -8.20 7.90
N VAL C 217 4.19 -7.05 7.85
CA VAL C 217 4.71 -6.45 9.07
C VAL C 217 3.58 -6.06 10.01
N VAL C 218 2.53 -5.44 9.47
CA VAL C 218 1.42 -5.04 10.33
C VAL C 218 0.78 -6.27 10.97
N GLY C 219 0.53 -7.31 10.18
CA GLY C 219 -0.08 -8.50 10.75
C GLY C 219 0.79 -9.14 11.82
N ASP C 220 2.07 -9.33 11.54
CA ASP C 220 2.92 -10.01 12.50
C ASP C 220 3.10 -9.18 13.76
N VAL C 221 3.34 -7.87 13.62
CA VAL C 221 3.45 -7.03 14.81
C VAL C 221 2.17 -7.09 15.62
N ARG C 222 1.02 -7.14 14.96
CA ARG C 222 -0.23 -7.34 15.67
C ARG C 222 -0.27 -8.65 16.40
N ASN C 223 0.38 -9.69 15.87
CA ASN C 223 0.39 -11.00 16.52
C ASN C 223 1.32 -11.07 17.72
N MET C 224 2.31 -10.18 17.84
CA MET C 224 3.25 -10.22 18.96
C MET C 224 2.84 -9.31 20.11
N GLY C 225 1.68 -8.68 20.04
CA GLY C 225 1.22 -7.83 21.13
C GLY C 225 1.63 -6.38 20.97
N GLY C 226 1.49 -5.85 19.75
CA GLY C 226 1.78 -4.46 19.52
C GLY C 226 0.61 -3.57 19.90
N ASN C 227 0.93 -2.43 20.52
CA ASN C 227 -0.09 -1.47 20.91
C ASN C 227 -0.51 -0.66 19.70
N PRO C 228 -1.55 0.17 19.84
CA PRO C 228 -1.95 1.02 18.71
C PRO C 228 -0.82 1.88 18.19
N VAL C 229 0.03 2.41 19.09
CA VAL C 229 1.19 3.15 18.62
C VAL C 229 2.14 2.22 17.87
N ASP C 230 2.25 0.98 18.32
CA ASP C 230 3.11 0.03 17.63
C ASP C 230 2.57 -0.32 16.25
N ILE C 231 1.26 -0.49 16.14
CA ILE C 231 0.68 -0.74 14.82
C ILE C 231 0.82 0.48 13.94
N ARG C 232 0.77 1.68 14.51
CA ARG C 232 1.04 2.88 13.73
C ARG C 232 2.49 2.89 13.24
N ALA C 233 3.42 2.48 14.09
CA ALA C 233 4.81 2.34 13.64
C ALA C 233 4.91 1.36 12.49
N ALA C 234 4.14 0.27 12.55
CA ALA C 234 4.13 -0.69 11.44
C ALA C 234 3.57 -0.05 10.17
N GLU C 235 2.45 0.67 10.29
CA GLU C 235 1.86 1.30 9.12
C GLU C 235 2.78 2.36 8.53
N MET C 236 3.70 2.90 9.33
CA MET C 236 4.67 3.84 8.78
C MET C 236 5.41 3.23 7.60
N LEU C 237 5.57 1.90 7.58
CA LEU C 237 6.19 1.23 6.45
C LEU C 237 5.48 1.55 5.14
N ARG C 238 4.16 1.78 5.18
CA ARG C 238 3.45 2.16 3.98
C ARG C 238 3.98 3.47 3.42
N HIS C 239 4.08 4.49 4.27
CA HIS C 239 4.49 5.81 3.81
C HIS C 239 5.97 5.81 3.40
N ASN C 240 6.86 5.53 4.34
CA ASN C 240 8.28 5.48 4.01
C ASN C 240 8.60 4.22 3.23
N ASN C 241 9.29 4.39 2.11
CA ASN C 241 9.64 3.26 1.26
C ASN C 241 10.97 3.53 0.58
N TRP C 242 11.68 2.44 0.28
CA TRP C 242 12.91 2.53 -0.50
C TRP C 242 12.58 2.29 -1.97
N SER C 243 12.73 3.33 -2.77
CA SER C 243 12.55 3.24 -4.21
C SER C 243 13.88 2.92 -4.86
N ASN C 244 13.84 2.70 -6.16
CA ASN C 244 15.05 2.40 -6.92
C ASN C 244 15.71 3.72 -7.32
N PRO C 245 16.92 4.01 -6.81
CA PRO C 245 17.58 5.26 -7.22
C PRO C 245 17.83 5.36 -8.72
N ARG C 246 17.95 4.24 -9.42
CA ARG C 246 18.20 4.28 -10.86
C ARG C 246 16.99 4.71 -11.67
N ARG C 247 15.80 4.74 -11.06
CA ARG C 247 14.61 5.20 -11.77
C ARG C 247 14.72 6.66 -12.16
N LEU C 248 15.45 7.45 -11.37
CA LEU C 248 15.57 8.87 -11.67
C LEU C 248 16.26 9.13 -12.99
N LEU C 249 17.04 8.18 -13.50
CA LEU C 249 17.83 8.43 -14.69
C LEU C 249 16.97 8.64 -15.94
N GLU C 250 15.90 7.88 -16.11
CA GLU C 250 15.07 8.03 -17.29
C GLU C 250 14.08 9.19 -17.20
N HIS C 251 13.91 9.76 -16.00
CA HIS C 251 13.05 10.92 -15.80
C HIS C 251 13.83 12.16 -15.40
N MET C 252 15.07 12.27 -15.86
CA MET C 252 15.91 13.39 -15.44
C MET C 252 15.46 14.69 -16.06
N ASP C 253 15.05 14.67 -17.32
CA ASP C 253 14.66 15.89 -18.02
C ASP C 253 13.39 16.50 -17.46
N ARG C 254 12.66 15.78 -16.61
CA ARG C 254 11.41 16.25 -16.04
C ARG C 254 11.50 16.46 -14.53
N ILE C 255 12.70 16.45 -13.97
CA ILE C 255 12.92 16.66 -12.55
C ILE C 255 13.43 18.09 -12.39
N PHE C 256 12.54 18.98 -11.99
CA PHE C 256 12.84 20.41 -11.85
C PHE C 256 13.47 20.73 -10.50
N HIS C 257 13.10 20.01 -9.46
CA HIS C 257 13.50 20.32 -8.11
C HIS C 257 13.53 19.04 -7.31
N VAL C 258 14.42 18.98 -6.33
CA VAL C 258 14.56 17.82 -5.46
C VAL C 258 14.46 18.31 -4.02
N HIS C 259 13.53 17.75 -3.27
CA HIS C 259 13.38 18.07 -1.85
C HIS C 259 14.35 17.21 -1.06
N ALA C 260 15.50 17.78 -0.72
CA ALA C 260 16.53 17.06 0.01
C ALA C 260 16.10 16.86 1.45
N LYS C 261 15.08 16.03 1.65
CA LYS C 261 14.53 15.82 2.98
C LYS C 261 15.54 15.07 3.85
N PHE C 262 15.51 15.36 5.16
CA PHE C 262 16.33 14.65 6.12
C PHE C 262 15.68 14.77 7.48
N TYR C 263 16.03 13.85 8.38
CA TYR C 263 15.36 13.82 9.71
C TYR C 263 16.36 14.12 10.82
N GLU C 264 17.56 13.55 10.74
CA GLU C 264 18.56 13.73 11.82
C GLU C 264 19.98 13.75 11.25
N MET C 265 20.77 14.76 11.63
CA MET C 265 22.19 14.81 11.22
C MET C 265 23.04 14.59 12.47
N ASP C 266 23.75 13.46 12.54
CA ASP C 266 24.63 13.18 13.70
C ASP C 266 25.86 14.10 13.64
N GLU C 267 26.72 14.06 14.65
CA GLU C 267 27.87 15.00 14.72
C GLU C 267 28.82 14.79 13.53
N GLN C 268 28.73 13.65 12.84
CA GLN C 268 29.69 13.36 11.74
C GLN C 268 29.05 13.74 10.39
N ASP C 269 28.03 14.62 10.41
CA ASP C 269 27.40 15.08 9.17
C ASP C 269 26.87 13.88 8.37
N ARG C 270 26.20 12.97 9.06
CA ARG C 270 25.70 11.73 8.47
C ARG C 270 24.20 11.67 8.59
N GLU C 271 23.51 11.41 7.48
CA GLU C 271 22.09 11.11 7.52
C GLU C 271 21.90 9.63 7.85
N THR C 272 21.24 9.36 8.96
CA THR C 272 21.17 8.00 9.48
C THR C 272 20.26 7.10 8.65
N SER C 273 19.29 7.65 7.94
CA SER C 273 18.19 6.85 7.42
C SER C 273 18.07 6.89 5.91
N LEU C 274 18.15 8.06 5.30
CA LEU C 274 17.82 8.23 3.89
C LEU C 274 19.01 7.88 3.02
N GLY C 275 18.72 7.54 1.77
CA GLY C 275 19.76 7.20 0.83
C GLY C 275 20.29 8.43 0.14
N TYR C 276 21.40 8.95 0.64
CA TYR C 276 22.10 10.07 0.03
C TYR C 276 23.39 9.65 -0.63
N GLU C 277 24.10 8.69 -0.05
CA GLU C 277 25.28 8.15 -0.70
C GLU C 277 24.92 7.39 -1.97
N GLU C 278 23.69 6.93 -2.09
CA GLU C 278 23.24 6.21 -3.27
C GLU C 278 22.61 7.11 -4.31
N VAL C 279 22.01 8.22 -3.88
CA VAL C 279 21.16 9.04 -4.75
C VAL C 279 21.92 10.19 -5.39
N ILE C 280 22.72 10.91 -4.60
CA ILE C 280 23.45 12.06 -5.11
C ILE C 280 24.31 11.62 -6.29
N PRO C 281 25.01 10.48 -6.22
CA PRO C 281 25.70 9.98 -7.42
C PRO C 281 24.78 9.73 -8.59
N VAL C 282 23.55 9.27 -8.33
CA VAL C 282 22.58 9.11 -9.41
C VAL C 282 22.27 10.45 -10.05
N LEU C 283 22.03 11.48 -9.24
CA LEU C 283 21.75 12.80 -9.78
C LEU C 283 22.95 13.34 -10.55
N LYS C 284 24.17 13.03 -10.08
CA LYS C 284 25.37 13.47 -10.79
C LYS C 284 25.44 12.82 -12.17
N GLU C 285 25.32 11.49 -12.22
CA GLU C 285 25.53 10.78 -13.48
C GLU C 285 24.40 11.01 -14.47
N GLY C 286 23.16 11.09 -13.99
CA GLY C 286 22.06 11.39 -14.90
C GLY C 286 22.14 12.78 -15.49
N GLY C 287 22.67 13.74 -14.72
CA GLY C 287 22.76 15.11 -15.15
C GLY C 287 21.65 15.92 -14.52
N TYR C 288 21.96 16.62 -13.44
CA TYR C 288 20.97 17.40 -12.72
C TYR C 288 21.50 18.79 -12.47
N SER C 289 20.68 19.80 -12.81
CA SER C 289 21.07 21.19 -12.65
C SER C 289 20.12 21.95 -11.74
N GLY C 290 19.28 21.26 -10.99
CA GLY C 290 18.33 21.89 -10.11
C GLY C 290 18.90 22.13 -8.73
N TYR C 291 18.01 22.29 -7.77
CA TYR C 291 18.38 22.63 -6.40
C TYR C 291 18.04 21.47 -5.48
N LEU C 292 18.98 21.13 -4.59
CA LEU C 292 18.73 20.18 -3.51
C LEU C 292 18.27 20.98 -2.29
N ALA C 293 16.97 21.27 -2.26
CA ALA C 293 16.41 22.05 -1.17
C ALA C 293 16.41 21.23 0.11
N SER C 294 17.30 21.59 1.02
CA SER C 294 17.28 21.01 2.36
C SER C 294 15.90 21.20 2.96
N GLU C 295 15.24 20.10 3.28
CA GLU C 295 13.90 20.11 3.85
C GLU C 295 13.98 19.34 5.17
N TYR C 296 14.36 20.04 6.24
CA TYR C 296 14.43 19.41 7.59
C TYR C 296 13.04 18.90 7.97
N GLU C 297 12.94 17.64 8.38
CA GLU C 297 11.62 17.04 8.69
C GLU C 297 11.63 16.41 10.09
N GLY C 298 12.80 16.29 10.71
CA GLY C 298 12.91 15.66 12.04
C GLY C 298 12.29 16.51 13.12
N ASN C 299 12.11 17.80 12.83
CA ASN C 299 11.55 18.75 13.84
C ASN C 299 10.25 18.17 14.43
N ARG C 300 9.46 17.48 13.62
CA ARG C 300 8.17 16.97 14.09
C ARG C 300 8.33 15.73 14.97
N HIS C 301 9.49 15.09 14.94
CA HIS C 301 9.75 13.87 15.71
C HIS C 301 10.56 14.12 16.97
N ILE C 302 11.58 14.99 16.90
CA ILE C 302 12.36 15.31 18.08
C ILE C 302 11.67 16.33 18.98
N GLN C 303 10.63 16.99 18.46
CA GLN C 303 9.97 18.09 19.21
C GLN C 303 9.41 17.61 20.55
N ASP C 304 9.15 16.31 20.69
CA ASP C 304 8.49 15.82 21.90
C ASP C 304 9.31 16.17 23.15
N ALA C 305 10.62 15.96 23.10
CA ALA C 305 11.47 16.21 24.25
C ALA C 305 12.74 16.98 23.94
N PHE C 306 13.21 17.00 22.71
CA PHE C 306 14.46 17.66 22.38
C PHE C 306 14.23 19.09 21.92
N GLU C 307 15.21 19.93 22.19
CA GLU C 307 15.19 21.31 21.71
C GLU C 307 15.55 21.30 20.23
N VAL C 308 14.64 21.80 19.40
CA VAL C 308 14.87 21.78 17.96
C VAL C 308 15.85 22.90 17.61
N ASP C 309 16.97 22.53 17.02
CA ASP C 309 17.93 23.48 16.47
C ASP C 309 17.86 23.30 14.96
N SER C 310 16.89 23.98 14.35
CA SER C 310 16.73 23.86 12.90
C SER C 310 17.97 24.35 12.18
N VAL C 311 18.55 25.45 12.65
CA VAL C 311 19.69 26.03 11.95
C VAL C 311 20.89 25.09 12.00
N GLU C 312 21.16 24.48 13.16
CA GLU C 312 22.29 23.58 13.28
C GLU C 312 22.10 22.32 12.44
N GLN C 313 20.90 21.73 12.49
CA GLN C 313 20.62 20.53 11.69
C GLN C 313 20.74 20.84 10.21
N VAL C 314 20.18 21.96 9.78
CA VAL C 314 20.25 22.32 8.37
C VAL C 314 21.67 22.64 7.98
N ARG C 315 22.48 23.18 8.90
CA ARG C 315 23.88 23.44 8.59
C ARG C 315 24.65 22.15 8.38
N ARG C 316 24.46 21.17 9.27
CA ARG C 316 25.10 19.88 9.10
C ARG C 316 24.66 19.23 7.80
N HIS C 317 23.36 19.27 7.50
CA HIS C 317 22.86 18.73 6.24
C HIS C 317 23.50 19.44 5.06
N GLN C 318 23.66 20.77 5.15
CA GLN C 318 24.23 21.51 4.05
C GLN C 318 25.68 21.10 3.79
N ARG C 319 26.47 20.91 4.84
CA ARG C 319 27.85 20.51 4.58
C ARG C 319 27.99 19.03 4.22
N MET C 320 27.02 18.21 4.65
CA MET C 320 27.00 16.79 4.19
C MET C 320 26.74 16.84 2.68
N LEU C 321 25.76 17.65 2.27
CA LEU C 321 25.43 17.80 0.87
C LEU C 321 26.62 18.31 0.08
N ALA C 322 27.32 19.29 0.64
CA ALA C 322 28.51 19.86 0.01
C ALA C 322 29.61 18.83 -0.18
N ARG C 323 29.82 17.93 0.78
CA ARG C 323 30.79 16.86 0.63
C ARG C 323 30.32 15.74 -0.29
N LEU C 324 29.02 15.46 -0.35
CA LEU C 324 28.51 14.48 -1.30
C LEU C 324 28.45 15.04 -2.72
N ILE C 325 28.45 16.37 -2.87
CA ILE C 325 28.62 16.98 -4.17
C ILE C 325 30.10 17.37 -4.31
N MET D 1 2.06 17.83 14.65
CA MET D 1 3.07 18.74 14.05
C MET D 1 3.69 19.62 15.13
N PHE D 2 2.88 20.48 15.73
CA PHE D 2 3.32 21.40 16.79
C PHE D 2 2.51 21.18 18.05
N ASP D 3 2.26 19.92 18.38
CA ASP D 3 1.24 19.55 19.34
C ASP D 3 1.57 20.02 20.75
N LYS D 4 2.78 20.47 21.04
CA LYS D 4 3.09 21.01 22.34
C LYS D 4 2.86 22.52 22.42
N TYR D 5 2.50 23.16 21.31
CA TYR D 5 2.34 24.61 21.27
C TYR D 5 0.91 25.05 20.96
N ILE D 6 -0.04 24.11 20.86
CA ILE D 6 -1.40 24.48 20.47
C ILE D 6 -1.98 25.46 21.46
N VAL D 7 -1.92 25.14 22.74
CA VAL D 7 -2.43 26.01 23.78
C VAL D 7 -1.29 26.89 24.26
N VAL D 8 -1.41 28.19 24.04
CA VAL D 8 -0.32 29.12 24.27
C VAL D 8 -0.22 29.40 25.75
N GLU D 9 1.01 29.49 26.26
CA GLU D 9 1.24 29.74 27.67
C GLU D 9 0.97 31.20 28.01
N ASP D 10 0.45 31.42 29.22
CA ASP D 10 0.22 32.76 29.74
C ASP D 10 -0.71 33.56 28.82
N SER D 11 -1.77 32.91 28.34
CA SER D 11 -2.73 33.54 27.45
C SER D 11 -4.16 33.45 27.92
N LEU D 12 -4.45 32.62 28.92
CA LEU D 12 -5.82 32.45 29.39
C LEU D 12 -6.26 33.69 30.14
N LYS D 13 -7.07 34.54 29.50
CA LYS D 13 -7.64 35.69 30.17
C LYS D 13 -9.16 35.59 30.13
N ARG D 14 -9.81 36.45 30.89
CA ARG D 14 -11.23 36.34 31.19
C ARG D 14 -11.97 37.47 30.49
N VAL D 15 -12.93 37.12 29.64
CA VAL D 15 -13.76 38.08 28.93
C VAL D 15 -15.13 38.07 29.60
N PRO D 16 -15.93 39.12 29.47
CA PRO D 16 -17.23 39.12 30.16
C PRO D 16 -18.12 38.01 29.65
N GLY D 17 -18.36 37.01 30.50
CA GLY D 17 -19.16 35.87 30.16
C GLY D 17 -18.40 34.65 29.68
N GLY D 18 -17.07 34.70 29.64
CA GLY D 18 -16.32 33.57 29.16
C GLY D 18 -14.84 33.74 29.39
N VAL D 19 -14.07 32.83 28.79
CA VAL D 19 -12.61 32.87 28.85
C VAL D 19 -12.06 32.76 27.44
N GLN D 20 -11.05 33.56 27.15
CA GLN D 20 -10.39 33.54 25.86
C GLN D 20 -8.93 33.14 26.04
N PHE D 21 -8.41 32.41 25.07
CA PHE D 21 -7.04 31.93 25.15
C PHE D 21 -6.49 31.81 23.74
N GLY D 22 -5.16 31.80 23.64
CA GLY D 22 -4.51 31.77 22.35
C GLY D 22 -4.24 30.35 21.91
N VAL D 23 -4.62 30.07 20.66
CA VAL D 23 -4.49 28.73 20.09
C VAL D 23 -3.75 28.87 18.77
N ARG D 24 -2.80 27.97 18.54
CA ARG D 24 -2.10 27.87 17.27
C ARG D 24 -2.38 26.50 16.65
N LEU D 25 -2.78 26.51 15.39
CA LEU D 25 -3.22 25.24 14.84
C LEU D 25 -2.03 24.32 14.59
N PRO D 26 -2.16 23.03 14.90
CA PRO D 26 -1.02 22.10 14.75
C PRO D 26 -0.78 21.73 13.29
N TYR D 27 -0.41 22.71 12.49
CA TYR D 27 -0.21 22.50 11.07
C TYR D 27 0.93 23.41 10.62
N TYR D 28 1.64 22.97 9.59
CA TYR D 28 2.87 23.64 9.18
C TYR D 28 2.64 24.78 8.20
N ARG D 29 1.39 25.14 7.91
CA ARG D 29 1.12 26.24 7.01
C ARG D 29 -0.20 26.89 7.42
N GLY D 30 -0.59 27.92 6.66
CA GLY D 30 -1.85 28.60 6.92
C GLY D 30 -3.01 27.85 6.30
N LEU D 31 -4.05 27.64 7.10
CA LEU D 31 -5.25 26.95 6.66
C LEU D 31 -6.43 27.89 6.67
N GLY D 32 -7.30 27.73 5.68
CA GLY D 32 -8.60 28.39 5.73
C GLY D 32 -9.41 27.85 6.89
N LEU D 33 -10.15 28.72 7.55
CA LEU D 33 -10.91 28.31 8.72
C LEU D 33 -12.01 27.32 8.38
N SER D 34 -12.34 27.18 7.09
CA SER D 34 -13.33 26.17 6.70
C SER D 34 -12.75 24.77 6.75
N MET D 35 -11.44 24.64 6.52
CA MET D 35 -10.78 23.33 6.54
C MET D 35 -10.54 22.82 7.95
N VAL D 36 -10.89 23.59 8.98
CA VAL D 36 -10.82 23.10 10.34
C VAL D 36 -12.05 22.24 10.58
N GLU D 37 -11.93 20.94 10.31
CA GLU D 37 -13.08 20.06 10.43
C GLU D 37 -13.59 20.02 11.86
N THR D 38 -12.68 19.97 12.82
CA THR D 38 -13.06 19.98 14.22
C THR D 38 -11.97 20.65 15.04
N MET D 39 -12.39 21.52 15.96
CA MET D 39 -11.53 22.10 16.98
C MET D 39 -12.24 21.83 18.30
N ASP D 40 -11.79 20.81 19.01
CA ASP D 40 -12.41 20.42 20.27
C ASP D 40 -11.63 21.04 21.41
N VAL D 41 -12.20 22.03 22.08
CA VAL D 41 -11.55 22.72 23.18
C VAL D 41 -12.25 22.31 24.48
N THR D 42 -11.45 21.88 25.45
CA THR D 42 -11.94 21.54 26.79
C THR D 42 -11.21 22.41 27.79
N VAL D 43 -11.94 23.26 28.49
CA VAL D 43 -11.40 24.06 29.57
C VAL D 43 -11.66 23.31 30.87
N ASP D 44 -10.59 22.93 31.56
CA ASP D 44 -10.63 22.08 32.74
C ASP D 44 -11.13 20.67 32.41
N GLY D 45 -11.10 20.27 31.14
CA GLY D 45 -11.46 18.94 30.72
C GLY D 45 -12.91 18.75 30.31
N GLU D 46 -13.75 19.77 30.48
CA GLU D 46 -15.16 19.69 30.09
C GLU D 46 -15.34 20.37 28.74
N ARG D 47 -15.69 19.59 27.74
CA ARG D 47 -15.79 20.09 26.38
C ARG D 47 -16.88 21.15 26.28
N VAL D 48 -16.61 22.18 25.47
CA VAL D 48 -17.60 23.22 25.20
C VAL D 48 -18.09 23.04 23.77
N PRO D 49 -19.36 23.35 23.48
CA PRO D 49 -19.86 23.14 22.11
C PRO D 49 -19.22 24.08 21.11
N GLU D 50 -19.32 23.69 19.84
CA GLU D 50 -18.77 24.48 18.74
C GLU D 50 -19.56 25.75 18.49
N GLU D 51 -20.76 25.87 19.04
CA GLU D 51 -21.52 27.12 18.99
C GLU D 51 -21.14 28.06 20.11
N ASN D 52 -20.32 27.62 21.06
CA ASN D 52 -19.79 28.47 22.11
C ASN D 52 -18.37 28.93 21.81
N LEU D 53 -17.84 28.66 20.63
CA LEU D 53 -16.54 29.16 20.21
C LEU D 53 -16.70 30.30 19.24
N THR D 54 -15.83 31.30 19.35
CA THR D 54 -15.76 32.40 18.39
C THR D 54 -14.29 32.69 18.14
N VAL D 55 -13.72 32.01 17.15
CA VAL D 55 -12.33 32.28 16.77
C VAL D 55 -12.20 33.73 16.36
N THR D 56 -11.07 34.35 16.74
CA THR D 56 -10.87 35.78 16.52
C THR D 56 -9.53 35.95 15.80
N LEU D 57 -9.35 35.22 14.71
CA LEU D 57 -8.21 35.44 13.84
C LEU D 57 -8.12 36.91 13.45
N GLY D 58 -6.96 37.51 13.68
CA GLY D 58 -6.75 38.90 13.35
C GLY D 58 -7.69 39.82 14.09
N ASP D 59 -8.44 40.63 13.34
CA ASP D 59 -9.36 41.60 13.93
C ASP D 59 -10.82 41.27 13.63
N ARG D 60 -11.11 40.12 13.03
CA ARG D 60 -12.48 39.70 12.75
C ARG D 60 -12.75 38.40 13.48
N THR D 61 -13.88 38.37 14.20
CA THR D 61 -14.29 37.18 14.93
C THR D 61 -15.49 36.54 14.24
N VAL D 62 -15.45 35.22 14.09
CA VAL D 62 -16.48 34.47 13.40
C VAL D 62 -16.98 33.39 14.35
N PRO D 63 -18.29 33.25 14.55
CA PRO D 63 -18.79 32.10 15.31
C PRO D 63 -18.31 30.81 14.64
N PHE D 64 -17.79 29.90 15.47
CA PHE D 64 -17.16 28.72 14.90
C PHE D 64 -18.18 27.83 14.20
N ALA D 65 -19.46 27.94 14.56
CA ALA D 65 -20.47 27.13 13.88
C ALA D 65 -20.55 27.48 12.40
N ARG D 66 -20.45 28.76 12.06
CA ARG D 66 -20.60 29.24 10.68
C ARG D 66 -19.26 29.45 10.00
N ARG D 67 -18.29 28.59 10.33
CA ARG D 67 -16.97 28.67 9.72
C ARG D 67 -16.92 28.05 8.33
N ASP D 68 -17.90 27.21 7.97
CA ASP D 68 -17.87 26.60 6.65
C ASP D 68 -18.02 27.65 5.55
N ASP D 69 -18.76 28.72 5.80
CA ASP D 69 -18.79 29.85 4.88
C ASP D 69 -17.64 30.82 5.10
N GLU D 70 -16.96 30.72 6.25
CA GLU D 70 -15.75 31.50 6.47
C GLU D 70 -14.59 30.83 5.76
N THR D 71 -14.62 30.84 4.44
CA THR D 71 -13.76 30.03 3.61
C THR D 71 -12.43 30.70 3.27
N ASP D 72 -12.45 31.98 2.90
CA ASP D 72 -11.23 32.67 2.49
C ASP D 72 -10.42 33.20 3.67
N THR D 73 -10.93 33.10 4.90
CA THR D 73 -10.17 33.51 6.06
C THR D 73 -9.11 32.46 6.38
N ILE D 74 -7.85 32.87 6.42
CA ILE D 74 -6.73 31.96 6.62
C ILE D 74 -6.22 32.09 8.05
N TRP D 75 -5.98 30.95 8.68
CA TRP D 75 -5.33 30.88 9.99
C TRP D 75 -3.83 30.83 9.76
N ASN D 76 -3.17 31.97 9.94
CA ASN D 76 -1.77 32.08 9.55
C ASN D 76 -0.89 31.20 10.43
N PHE D 77 0.19 30.71 9.83
CA PHE D 77 1.07 29.79 10.54
C PHE D 77 1.73 30.48 11.72
N GLY D 78 1.58 29.90 12.90
CA GLY D 78 2.09 30.48 14.11
C GLY D 78 1.27 31.61 14.68
N GLU D 79 0.17 31.98 14.04
CA GLU D 79 -0.66 33.07 14.54
C GLU D 79 -1.49 32.60 15.71
N ILE D 80 -1.47 33.37 16.79
CA ILE D 80 -2.23 33.06 17.99
C ILE D 80 -3.67 33.51 17.74
N ALA D 81 -4.53 32.58 17.39
CA ALA D 81 -5.96 32.86 17.30
C ALA D 81 -6.51 33.02 18.70
N THR D 82 -7.24 34.11 18.94
CA THR D 82 -7.85 34.35 20.24
C THR D 82 -9.16 33.58 20.30
N VAL D 83 -9.04 32.28 20.55
CA VAL D 83 -10.22 31.43 20.64
C VAL D 83 -10.95 31.77 21.92
N THR D 84 -12.22 32.16 21.78
CA THR D 84 -13.04 32.58 22.89
C THR D 84 -14.11 31.52 23.14
N ALA D 85 -14.25 31.13 24.40
CA ALA D 85 -15.27 30.17 24.80
C ALA D 85 -16.10 30.80 25.89
N ARG D 86 -17.40 31.00 25.62
CA ARG D 86 -18.30 31.54 26.64
C ARG D 86 -18.82 30.35 27.45
N LEU D 87 -17.99 29.93 28.40
CA LEU D 87 -18.36 28.83 29.26
C LEU D 87 -19.66 29.15 29.99
N PRO D 88 -20.57 28.19 30.15
CA PRO D 88 -21.78 28.46 30.93
C PRO D 88 -21.53 28.30 32.42
N HIS D 89 -20.40 28.83 32.88
CA HIS D 89 -20.04 28.83 34.30
C HIS D 89 -18.82 29.71 34.50
N GLU D 90 -18.87 30.63 35.46
CA GLU D 90 -17.76 31.54 35.67
C GLU D 90 -16.59 30.79 36.30
N LEU D 91 -15.44 30.82 35.62
CA LEU D 91 -14.25 30.16 36.14
C LEU D 91 -13.68 30.95 37.32
N GLY D 92 -13.24 30.24 38.34
CA GLY D 92 -12.66 30.85 39.52
C GLY D 92 -11.15 30.96 39.40
N PRO D 93 -10.55 31.87 40.16
CA PRO D 93 -9.10 32.06 40.06
C PRO D 93 -8.33 30.79 40.39
N GLY D 94 -7.21 30.61 39.69
CA GLY D 94 -6.34 29.48 39.95
C GLY D 94 -5.82 28.82 38.70
N GLU D 95 -5.30 27.60 38.84
CA GLU D 95 -4.78 26.86 37.69
C GLU D 95 -5.90 26.14 36.97
N HIS D 96 -5.97 26.32 35.65
CA HIS D 96 -6.98 25.70 34.81
C HIS D 96 -6.30 24.98 33.66
N GLN D 97 -6.69 23.74 33.44
CA GLN D 97 -6.11 22.91 32.40
C GLN D 97 -6.93 23.07 31.13
N VAL D 98 -6.32 23.62 30.10
CA VAL D 98 -6.98 23.82 28.81
C VAL D 98 -6.35 22.86 27.82
N GLY D 99 -7.19 22.07 27.17
CA GLY D 99 -6.74 21.14 26.15
C GLY D 99 -7.47 21.41 24.84
N VAL D 100 -6.79 21.19 23.74
CA VAL D 100 -7.35 21.42 22.41
C VAL D 100 -6.95 20.28 21.50
N ASN D 101 -7.93 19.69 20.83
CA ASN D 101 -7.73 18.70 19.79
C ASN D 101 -8.11 19.32 18.45
N PHE D 102 -7.35 19.00 17.41
CA PHE D 102 -7.56 19.55 16.09
C PHE D 102 -7.68 18.41 15.09
N GLY D 103 -8.80 18.37 14.38
CA GLY D 103 -8.92 17.55 13.20
C GLY D 103 -9.06 18.44 12.00
N LEU D 104 -8.02 18.51 11.19
CA LEU D 104 -7.95 19.38 10.04
C LEU D 104 -8.25 18.55 8.80
N ARG D 105 -9.20 19.02 7.99
CA ARG D 105 -9.55 18.37 6.73
C ARG D 105 -8.52 18.79 5.69
N ILE D 106 -7.37 18.15 5.74
CA ILE D 106 -6.32 18.37 4.75
C ILE D 106 -6.72 17.65 3.46
N SER D 107 -6.53 18.34 2.34
CA SER D 107 -6.98 17.83 1.05
C SER D 107 -6.10 16.69 0.53
N TYR D 108 -4.79 16.82 0.67
CA TYR D 108 -3.86 15.82 0.19
C TYR D 108 -3.57 14.74 1.22
N PHE D 109 -4.47 14.52 2.17
CA PHE D 109 -4.29 13.53 3.22
C PHE D 109 -5.60 12.78 3.36
N PRO D 110 -5.61 11.45 3.26
CA PRO D 110 -6.89 10.73 3.22
C PRO D 110 -7.77 10.93 4.44
N VAL D 111 -7.18 11.06 5.63
CA VAL D 111 -7.94 11.20 6.87
C VAL D 111 -7.60 12.56 7.47
N PRO D 112 -8.45 13.07 8.37
CA PRO D 112 -8.14 14.36 8.99
C PRO D 112 -6.84 14.31 9.78
N MET D 113 -6.00 15.32 9.58
CA MET D 113 -4.78 15.45 10.36
C MET D 113 -5.14 15.80 11.79
N VAL D 114 -4.56 15.07 12.74
CA VAL D 114 -4.94 15.17 14.15
C VAL D 114 -3.77 15.73 14.94
N GLY D 115 -4.04 16.79 15.70
CA GLY D 115 -3.12 17.29 16.69
C GLY D 115 -3.82 17.40 18.03
N GLN D 116 -3.03 17.43 19.09
CA GLN D 116 -3.62 17.50 20.42
C GLN D 116 -2.65 18.13 21.40
N ASP D 117 -3.18 18.91 22.33
CA ASP D 117 -2.39 19.50 23.39
C ASP D 117 -3.23 19.64 24.64
N ALA D 118 -2.56 19.70 25.79
CA ALA D 118 -3.22 19.93 27.07
C ALA D 118 -2.24 20.65 27.99
N LYS D 119 -2.39 21.97 28.09
CA LYS D 119 -1.55 22.78 28.97
C LYS D 119 -2.30 23.13 30.24
N THR D 120 -1.56 23.63 31.22
CA THR D 120 -2.10 24.09 32.50
C THR D 120 -1.79 25.57 32.64
N LEU D 121 -2.75 26.42 32.27
CA LEU D 121 -2.57 27.86 32.35
C LEU D 121 -3.20 28.39 33.63
N LYS D 122 -3.21 29.70 33.80
CA LYS D 122 -3.90 30.33 34.91
C LYS D 122 -4.29 31.74 34.49
N LEU D 123 -5.21 32.32 35.26
CA LEU D 123 -5.68 33.68 34.98
C LEU D 123 -5.37 34.61 36.14
MN MN E . -0.26 -16.55 -10.63
MN MN F . 9.11 17.45 0.31
#